data_1QFI
# 
_entry.id   1QFI 
# 
_audit_conform.dict_name       mmcif_pdbx.dic 
_audit_conform.dict_version    5.397 
_audit_conform.dict_location   http://mmcif.pdb.org/dictionaries/ascii/mmcif_pdbx.dic 
# 
loop_
_database_2.database_id 
_database_2.database_code 
_database_2.pdbx_database_accession 
_database_2.pdbx_DOI 
PDB   1QFI         pdb_00001qfi 10.2210/pdb1qfi/pdb 
RCSB  RCSB000828   ?            ?                   
WWPDB D_1000000828 ?            ?                   
# 
loop_
_pdbx_audit_revision_history.ordinal 
_pdbx_audit_revision_history.data_content_type 
_pdbx_audit_revision_history.major_revision 
_pdbx_audit_revision_history.minor_revision 
_pdbx_audit_revision_history.revision_date 
1 'Structure model' 1 0 2003-07-15 
2 'Structure model' 1 1 2011-06-14 
3 'Structure model' 1 2 2011-07-13 
4 'Structure model' 1 3 2011-07-27 
5 'Structure model' 1 4 2012-12-12 
6 'Structure model' 1 5 2017-10-04 
7 'Structure model' 2 0 2023-11-15 
8 'Structure model' 3 0 2024-07-10 
9 'Structure model' 3 1 2024-10-09 
# 
_pdbx_audit_revision_details.ordinal             1 
_pdbx_audit_revision_details.revision_ordinal    1 
_pdbx_audit_revision_details.data_content_type   'Structure model' 
_pdbx_audit_revision_details.provider            repository 
_pdbx_audit_revision_details.type                'Initial release' 
_pdbx_audit_revision_details.description         ? 
_pdbx_audit_revision_details.details             ? 
# 
loop_
_pdbx_audit_revision_group.ordinal 
_pdbx_audit_revision_group.revision_ordinal 
_pdbx_audit_revision_group.data_content_type 
_pdbx_audit_revision_group.group 
1  2 'Structure model' 'Version format compliance' 
2  3 'Structure model' 'Version format compliance' 
3  4 'Structure model' 'Atomic model'              
4  4 'Structure model' 'Database references'       
5  4 'Structure model' 'Derived calculations'      
6  4 'Structure model' 'Non-polymer description'   
7  4 'Structure model' 'Structure summary'         
8  5 'Structure model' Other                       
9  6 'Structure model' Advisory                    
10 6 'Structure model' 'Refinement description'    
11 7 'Structure model' 'Atomic model'              
12 7 'Structure model' 'Data collection'           
13 7 'Structure model' 'Database references'       
14 7 'Structure model' 'Derived calculations'      
15 8 'Structure model' 'Data collection'           
16 8 'Structure model' 'Derived calculations'      
17 8 'Structure model' 'Non-polymer description'   
18 8 'Structure model' 'Structure summary'         
19 9 'Structure model' 'Structure summary'         
# 
loop_
_pdbx_audit_revision_category.ordinal 
_pdbx_audit_revision_category.revision_ordinal 
_pdbx_audit_revision_category.data_content_type 
_pdbx_audit_revision_category.category 
1  6 'Structure model' pdbx_validate_polymer_linkage 
2  6 'Structure model' software                      
3  7 'Structure model' atom_site                     
4  7 'Structure model' atom_site_anisotrop           
5  7 'Structure model' chem_comp_atom                
6  7 'Structure model' chem_comp_bond                
7  7 'Structure model' database_2                    
8  7 'Structure model' struct_conn                   
9  7 'Structure model' struct_site                   
10 8 'Structure model' chem_comp                     
11 8 'Structure model' chem_comp_atom                
12 8 'Structure model' chem_comp_bond                
13 8 'Structure model' entity                        
14 8 'Structure model' struct_conn                   
15 9 'Structure model' pdbx_entry_details            
16 9 'Structure model' pdbx_modification_feature     
# 
loop_
_pdbx_audit_revision_item.ordinal 
_pdbx_audit_revision_item.revision_ordinal 
_pdbx_audit_revision_item.data_content_type 
_pdbx_audit_revision_item.item 
1  6 'Structure model' '_software.name'                               
2  7 'Structure model' '_atom_site.auth_atom_id'                      
3  7 'Structure model' '_atom_site.label_atom_id'                     
4  7 'Structure model' '_atom_site_anisotrop.pdbx_auth_atom_id'       
5  7 'Structure model' '_atom_site_anisotrop.pdbx_label_atom_id'      
6  7 'Structure model' '_database_2.pdbx_DOI'                         
7  7 'Structure model' '_database_2.pdbx_database_accession'          
8  7 'Structure model' '_struct_conn.pdbx_dist_value'                 
9  7 'Structure model' '_struct_conn.pdbx_leaving_atom_flag'          
10 7 'Structure model' '_struct_conn.ptnr1_label_atom_id'             
11 7 'Structure model' '_struct_conn.ptnr2_auth_comp_id'              
12 7 'Structure model' '_struct_conn.ptnr2_auth_seq_id'               
13 7 'Structure model' '_struct_conn.ptnr2_label_atom_id'             
14 7 'Structure model' '_struct_conn.ptnr2_label_comp_id'             
15 7 'Structure model' '_struct_conn.ptnr2_label_seq_id'              
16 7 'Structure model' '_struct_site.pdbx_auth_asym_id'               
17 7 'Structure model' '_struct_site.pdbx_auth_comp_id'               
18 7 'Structure model' '_struct_site.pdbx_auth_seq_id'                
19 8 'Structure model' '_chem_comp.formula'                           
20 8 'Structure model' '_chem_comp.formula_weight'                    
21 8 'Structure model' '_entity.formula_weight'                       
22 8 'Structure model' '_struct_conn.pdbx_leaving_atom_flag'          
23 9 'Structure model' '_pdbx_entry_details.has_protein_modification' 
# 
_pdbx_database_status.status_code                     REL 
_pdbx_database_status.entry_id                        1QFI 
_pdbx_database_status.recvd_initial_deposition_date   1999-04-12 
_pdbx_database_status.deposit_site                    PDBE 
_pdbx_database_status.process_site                    RCSB 
_pdbx_database_status.status_code_sf                  REL 
_pdbx_database_status.SG_entry                        . 
_pdbx_database_status.status_code_mr                  ? 
_pdbx_database_status.status_code_cs                  ? 
_pdbx_database_status.pdb_format_compatible           Y 
_pdbx_database_status.methods_development_category    ? 
_pdbx_database_status.status_code_nmr_data            ? 
# 
loop_
_pdbx_database_related.db_name 
_pdbx_database_related.db_id 
_pdbx_database_related.content_type 
_pdbx_database_related.details 
PDB 1A7Z unspecified 'CRYSTAL STRUCTURE OF ACTINOMYCIN Z3'                                                        
PDB 209D unspecified 'CRYSTAL STRUCTURE OF N8-ACTINOMYCIN D COMPLEXED WITH D(GAAGCTTC)2'                          
PDB 1UNM unspecified 'CRYSTAL STRUCTURE OF 7-AMINOACTINOMYCIN D COMPLEXED WITH NON-COMPLEMENTARY DNA'             
PDB 1I3W unspecified 'CRYSTAL STRUCTURE OF ACTINOMYCIN D COMPLEXED WITH DNA (CGATCGATCG)2'                        
PDB 1A7Y unspecified 'CRYSTAL STRUCTURE OF ACTINOMYCIN D'                                                         
PDB 1FJA unspecified 'SOLUTION STRUCTURE OF ACTINOMYCIN D COMPLEXED WITH DNA (AAGCGCTT)2'                         
PDB 173D unspecified 'CRYSTAL STRUCTURE OF ACTINOMYCIN D COMPLEXED WITH DNA (GAAGCTTC)2'                          
PDB 2D55 unspecified 'CRYSTAL STRUCTURE OF ACTINOMYCIN D COMPLEXED WITH DNA (GAAGCTTC)2'                          
PDB 1DSC unspecified 'SOLUTION STRUCTURE OF ACTINOMYCIN D COMPLEXED WITH DNA (GAAGCTTC)2'                         
PDB 1L1V unspecified 'SOLUTION STRUCTURE OF ACTNIOMYCIN D COMPLEXED WITH MISMATCHED DNA (GTCACCGAC)'              
PDB 316D unspecified 'CRYSTAL STRUCTURE OF F8-ACTINOMYCIN D COMPLEXED WITH DNA (GAAGCTTC)2'                       
PDB 1DSD unspecified 'SOLUTION STRUCTURE OF ACTINOMYCIN D COMPLEXED WITH DNA (GATGCTTC)2'                         
PDB 1MNV unspecified 'CRYSTAL STRUCTURE OF ACTINOMYCIN D COMPLEXED WITH DNA (ATGCTGCAT)2'                         
PDB 1UNJ unspecified 'CRYSTAL STRUCTURE OF 7-AMINO-ACTINOMYCIN D COMPLEXED WITH A NON-COMPLEMENTARY DNA (TTAGT)2' 
PDB 1OVF unspecified 'SOLUTIOM STRUCTURE OF ACTINOMYCIN D COMPLEXED WITH DNA (CCGTTTTGTGG)2'                      
# 
loop_
_audit_author.name 
_audit_author.pdbx_ordinal 
'Lifferth, A.' 1 
'Bahner, I.'   2 
'Lackner, H.'  3 
'Schaefer, M.' 4 
# 
_citation.id                        primary 
_citation.title                     'Synthesis and Structure of Proline Ring Modified Actinomycins of the X-Type' 
_citation.journal_abbrev            Z.Naturforsch. 
_citation.journal_volume            54 
_citation.page_first                681 
_citation.page_last                 ? 
_citation.year                      1999 
_citation.journal_id_ASTM           ? 
_citation.country                   GE 
_citation.journal_id_ISSN           0341-0382 
_citation.journal_id_CSD            ? 
_citation.book_publisher            ? 
_citation.pdbx_database_id_PubMed   ? 
_citation.pdbx_database_id_DOI      ? 
# 
loop_
_citation_author.citation_id 
_citation_author.name 
_citation_author.ordinal 
_citation_author.identifier_ORCID 
primary 'Lifferth, A.' 1 ? 
primary 'Bahner, I.'   2 ? 
primary 'Lackner, H.'  3 ? 
primary 'Schaefer, M.' 4 ? 
# 
loop_
_entity.id 
_entity.type 
_entity.src_method 
_entity.pdbx_description 
_entity.formula_weight 
_entity.pdbx_number_of_molecules 
_entity.pdbx_ec 
_entity.pdbx_mutation 
_entity.pdbx_fragment 
_entity.details 
1 polymer     syn 'ACTINOMYCIN X2' 1305.430 3 ? ? ? ? 
2 non-polymer syn 'ETHYL ACETATE'  88.105   7 ? ? ? ? 
3 non-polymer syn METHANOL         32.042   5 ? ? ? ? 
# 
_entity_name_com.entity_id   1 
_entity_name_com.name        'ACTINOMYCIN V' 
# 
_entity_poly.entity_id                      1 
_entity_poly.type                           'polypeptide(L)' 
_entity_poly.nstd_linkage                   no 
_entity_poly.nstd_monomer                   yes 
_entity_poly.pdbx_seq_one_letter_code       'T(DVA)(DPL)(SAR)(MVA)(PXZ)T(DVA)P(SAR)(MVA)' 
_entity_poly.pdbx_seq_one_letter_code_can   TVPGVXTVPGV 
_entity_poly.pdbx_strand_id                 A,B,C 
_entity_poly.pdbx_target_identifier         ? 
# 
loop_
_pdbx_entity_nonpoly.entity_id 
_pdbx_entity_nonpoly.name 
_pdbx_entity_nonpoly.comp_id 
2 'ETHYL ACETATE' EEE 
3 METHANOL        MOH 
# 
loop_
_entity_poly_seq.entity_id 
_entity_poly_seq.num 
_entity_poly_seq.mon_id 
_entity_poly_seq.hetero 
1 1  THR n 
1 2  DVA n 
1 3  DPL n 
1 4  SAR n 
1 5  MVA n 
1 6  PXZ n 
1 7  THR n 
1 8  DVA n 
1 9  PRO n 
1 10 SAR n 
1 11 MVA n 
# 
_pdbx_entity_src_syn.entity_id              1 
_pdbx_entity_src_syn.pdbx_src_id            1 
_pdbx_entity_src_syn.pdbx_alt_source_flag   sample 
_pdbx_entity_src_syn.pdbx_beg_seq_num       ? 
_pdbx_entity_src_syn.pdbx_end_seq_num       ? 
_pdbx_entity_src_syn.organism_scientific    'STREPTOMYCES ANTIBIOTICUS' 
_pdbx_entity_src_syn.organism_common_name   ? 
_pdbx_entity_src_syn.ncbi_taxonomy_id       1890 
_pdbx_entity_src_syn.details                ? 
# 
loop_
_chem_comp.id 
_chem_comp.type 
_chem_comp.mon_nstd_flag 
_chem_comp.name 
_chem_comp.pdbx_synonyms 
_chem_comp.formula 
_chem_comp.formula_weight 
DPL 'L-peptide linking' n 4-OXOPROLINE                                                    ?           'C5 H7 N O3'    129.114 
DVA 'D-peptide linking' . D-VALINE                                                        ?           'C5 H11 N O2'   117.146 
EEE non-polymer         . 'ETHYL ACETATE'                                                 ?           'C4 H8 O2'      88.105  
MOH non-polymer         . METHANOL                                                        ?           'C H4 O'        32.042  
MVA 'L-peptide linking' n N-METHYLVALINE                                                  ?           'C6 H13 N O2'   131.173 
PRO 'L-peptide linking' y PROLINE                                                         ?           'C5 H9 N O2'    115.130 
PXZ non-polymer         . 2-AMINO-1,9-DICARBONYL-4,6-DIMETHYL-10-DEHYDRO-PHENOXAZIN-3-ONE PHENOXAZINE 'C16 H12 N2 O6' 328.276 
SAR 'peptide linking'   n SARCOSINE                                                       ?           'C3 H7 N O2'    89.093  
THR 'L-peptide linking' y THREONINE                                                       ?           'C4 H9 N O3'    119.119 
# 
loop_
_pdbx_poly_seq_scheme.asym_id 
_pdbx_poly_seq_scheme.entity_id 
_pdbx_poly_seq_scheme.seq_id 
_pdbx_poly_seq_scheme.mon_id 
_pdbx_poly_seq_scheme.ndb_seq_num 
_pdbx_poly_seq_scheme.pdb_seq_num 
_pdbx_poly_seq_scheme.auth_seq_num 
_pdbx_poly_seq_scheme.pdb_mon_id 
_pdbx_poly_seq_scheme.auth_mon_id 
_pdbx_poly_seq_scheme.pdb_strand_id 
_pdbx_poly_seq_scheme.pdb_ins_code 
_pdbx_poly_seq_scheme.hetero 
A 1 1  THR 1  1  1  THR THR A . n 
A 1 2  DVA 2  2  2  DVA DVA A . n 
A 1 3  DPL 3  3  3  DPL DPL A . n 
A 1 4  SAR 4  4  4  SAR SAR A . n 
A 1 5  MVA 5  5  5  MVA MVA A . n 
A 1 6  PXZ 6  6  6  PXZ PXZ A . n 
A 1 7  THR 7  7  7  THR THR A . n 
A 1 8  DVA 8  8  8  DVA DVA A . n 
A 1 9  PRO 9  9  9  PRO PRO A . n 
A 1 10 SAR 10 10 10 SAR SAR A . n 
A 1 11 MVA 11 11 11 MVA MVA A . n 
B 1 1  THR 1  1  1  THR THR B . n 
B 1 2  DVA 2  2  2  DVA DVA B . n 
B 1 3  DPL 3  3  3  DPL DPL B . n 
B 1 4  SAR 4  4  4  SAR SAR B . n 
B 1 5  MVA 5  5  5  MVA MVA B . n 
B 1 6  PXZ 6  6  6  PXZ PXZ B . n 
B 1 7  THR 7  7  7  THR THR B . n 
B 1 8  DVA 8  8  8  DVA DVA B . n 
B 1 9  PRO 9  9  9  PRO PRO B . n 
B 1 10 SAR 10 10 10 SAR SAR B . n 
B 1 11 MVA 11 11 11 MVA MVA B . n 
C 1 1  THR 1  1  1  THR THR C . n 
C 1 2  DVA 2  2  2  DVA DVA C . n 
C 1 3  DPL 3  3  3  DPL DPL C . n 
C 1 4  SAR 4  4  4  SAR SAR C . n 
C 1 5  MVA 5  5  5  MVA MVA C . n 
C 1 6  PXZ 6  6  6  PXZ PXZ C . n 
C 1 7  THR 7  7  7  THR THR C . n 
C 1 8  DVA 8  8  8  DVA DVA C . n 
C 1 9  PRO 9  9  9  PRO PRO C . n 
C 1 10 SAR 10 10 10 SAR SAR C . n 
C 1 11 MVA 11 11 11 MVA MVA C . n 
# 
loop_
_pdbx_nonpoly_scheme.asym_id 
_pdbx_nonpoly_scheme.entity_id 
_pdbx_nonpoly_scheme.mon_id 
_pdbx_nonpoly_scheme.ndb_seq_num 
_pdbx_nonpoly_scheme.pdb_seq_num 
_pdbx_nonpoly_scheme.auth_seq_num 
_pdbx_nonpoly_scheme.pdb_mon_id 
_pdbx_nonpoly_scheme.auth_mon_id 
_pdbx_nonpoly_scheme.pdb_strand_id 
_pdbx_nonpoly_scheme.pdb_ins_code 
D 2 EEE 1 34 34 EEE EEE A . 
E 2 EEE 1 35 35 EEE EEE A . 
F 2 EEE 1 37 37 EEE EEE A . 
G 2 EEE 1 38 38 EEE EEE A . 
H 2 EEE 1 40 40 EEE EEE A . 
I 3 MOH 1 42 42 MOH MOH A . 
J 2 EEE 1 36 36 EEE EEE C . 
K 3 MOH 1 39 39 MOH MOH C . 
L 2 EEE 1 41 41 EEE EEE C . 
M 3 MOH 1 43 43 MOH MOH C . 
N 3 MOH 1 44 44 MOH MOH C . 
O 3 MOH 1 45 45 MOH MOH C . 
# 
loop_
_software.name 
_software.classification 
_software.version 
_software.citation_id 
_software.pdbx_ordinal 
SHELX     'model building' . ? 1 
SHELXL-97 refinement       . ? 2 
SAINT     'data reduction' . ? 3 
SADABS    'data scaling'   . ? 4 
SHELX     phasing          . ? 5 
# 
_cell.entry_id           1QFI 
_cell.length_a           15.594 
_cell.length_b           16.009 
_cell.length_c           25.322 
_cell.angle_alpha        86.23 
_cell.angle_beta         85.16 
_cell.angle_gamma        69.65 
_cell.Z_PDB              3 
_cell.pdbx_unique_axis   ? 
# 
_symmetry.entry_id                         1QFI 
_symmetry.space_group_name_H-M             'P 1' 
_symmetry.pdbx_full_space_group_name_H-M   ? 
_symmetry.cell_setting                     ? 
_symmetry.Int_Tables_number                1 
# 
_exptl.entry_id          1QFI 
_exptl.method            'X-RAY DIFFRACTION' 
_exptl.crystals_number   1 
# 
_exptl_crystal.id                    1 
_exptl_crystal.density_meas          ? 
_exptl_crystal.density_Matthews      1.12 
_exptl_crystal.density_percent_sol   20.37 
_exptl_crystal.description           ? 
# 
_exptl_crystal_grow.crystal_id      1 
_exptl_crystal_grow.method          ? 
_exptl_crystal_grow.temp            ? 
_exptl_crystal_grow.temp_details    ? 
_exptl_crystal_grow.pH              5.00 
_exptl_crystal_grow.pdbx_pH_range   ? 
_exptl_crystal_grow.pdbx_details    'PH 5.00' 
# 
_diffrn.id                     1 
_diffrn.ambient_temp           153.00 
_diffrn.ambient_temp_details   ? 
_diffrn.crystal_id             1 
# 
_diffrn_detector.diffrn_id              1 
_diffrn_detector.detector               'AREA DETECTOR' 
_diffrn_detector.type                   'SIEMENS HI-STAR' 
_diffrn_detector.pdbx_collection_date   ? 
_diffrn_detector.details                ? 
# 
_diffrn_radiation.diffrn_id                        1 
_diffrn_radiation.wavelength_id                    1 
_diffrn_radiation.pdbx_monochromatic_or_laue_m_l   M 
_diffrn_radiation.monochromator                    GRAPHITE 
_diffrn_radiation.pdbx_diffrn_protocol             'SINGLE WAVELENGTH' 
_diffrn_radiation.pdbx_scattering_type             x-ray 
# 
_diffrn_radiation_wavelength.id           1 
_diffrn_radiation_wavelength.wavelength   1.54178 
_diffrn_radiation_wavelength.wt           1.0 
# 
_diffrn_source.diffrn_id                   1 
_diffrn_source.source                      'ROTATING ANODE' 
_diffrn_source.type                        SIEMENS 
_diffrn_source.pdbx_synchrotron_site       ? 
_diffrn_source.pdbx_synchrotron_beamline   ? 
_diffrn_source.pdbx_wavelength             1.54178 
_diffrn_source.pdbx_wavelength_list        ? 
# 
_reflns.pdbx_diffrn_id               1 
_reflns.pdbx_ordinal                 1 
_reflns.entry_id                     1QFI 
_reflns.observed_criterion_sigma_I   ? 
_reflns.observed_criterion_sigma_F   ? 
_reflns.d_resolution_low             25.150 
_reflns.d_resolution_high            0.910 
_reflns.number_obs                   15506 
_reflns.number_all                   ? 
_reflns.percent_possible_obs         94.2 
_reflns.pdbx_Rmerge_I_obs            0.04700 
_reflns.pdbx_Rsym_value              0.01500 
_reflns.pdbx_netI_over_sigmaI        43.4000 
_reflns.B_iso_Wilson_estimate        ? 
_reflns.pdbx_redundancy              4.300 
# 
_reflns_shell.pdbx_diffrn_id         1 
_reflns_shell.pdbx_ordinal           1 
_reflns_shell.d_res_high             0.91 
_reflns_shell.d_res_low              1.00 
_reflns_shell.percent_possible_all   82.9 
_reflns_shell.Rmerge_I_obs           0.11500 
_reflns_shell.pdbx_Rsym_value        0.06600 
_reflns_shell.meanI_over_sigI_obs    14.700 
_reflns_shell.pdbx_redundancy        3.30 
# 
_refine.pdbx_refine_id                           'X-RAY DIFFRACTION' 
_refine.entry_id                                 1QFI 
_refine.pdbx_diffrn_id                           1 
_refine.pdbx_TLS_residual_ADP_flag               ? 
_refine.ls_number_reflns_obs                     ? 
_refine.ls_number_reflns_all                     15506 
_refine.pdbx_ls_sigma_I                          ? 
_refine.pdbx_ls_sigma_F                          0.000 
_refine.pdbx_data_cutoff_high_absF               ? 
_refine.pdbx_data_cutoff_low_absF                ? 
_refine.pdbx_data_cutoff_high_rms_absF           ? 
_refine.ls_d_res_low                             25.15 
_refine.ls_d_res_high                            0.91 
_refine.ls_percent_reflns_obs                    94.2 
_refine.ls_R_factor_obs                          ? 
_refine.ls_R_factor_all                          0.065 
_refine.ls_R_factor_R_work                       ? 
_refine.ls_R_factor_R_free                       ? 
_refine.ls_R_factor_R_free_error                 ? 
_refine.ls_R_factor_R_free_error_details         ? 
_refine.ls_percent_reflns_R_free                 ? 
_refine.ls_number_reflns_R_free                  ? 
_refine.ls_number_parameters                     2994 
_refine.ls_number_restraints                     3955 
_refine.occupancy_min                            ? 
_refine.occupancy_max                            ? 
_refine.correlation_coeff_Fo_to_Fc               ? 
_refine.correlation_coeff_Fo_to_Fc_free          ? 
_refine.B_iso_mean                               ? 
_refine.aniso_B[1][1]                            ? 
_refine.aniso_B[2][2]                            ? 
_refine.aniso_B[3][3]                            ? 
_refine.aniso_B[1][2]                            ? 
_refine.aniso_B[1][3]                            ? 
_refine.aniso_B[2][3]                            ? 
_refine.solvent_model_details                    ? 
_refine.solvent_model_param_ksol                 ? 
_refine.solvent_model_param_bsol                 ? 
_refine.pdbx_solvent_vdw_probe_radii             ? 
_refine.pdbx_solvent_ion_probe_radii             ? 
_refine.pdbx_solvent_shrinkage_radii             ? 
_refine.pdbx_ls_cross_valid_method               ? 
_refine.details                                  ? 
_refine.pdbx_starting_model                      ? 
_refine.pdbx_method_to_determine_struct          'DIRECT METHODS' 
_refine.pdbx_isotropic_thermal_model             ? 
_refine.pdbx_stereochemistry_target_values       'ENGH AND HUBER' 
_refine.pdbx_stereochem_target_val_spec_case     ? 
_refine.pdbx_R_Free_selection_details            ? 
_refine.pdbx_overall_ESU_R                       ? 
_refine.pdbx_overall_ESU_R_Free                  ? 
_refine.overall_SU_ML                            ? 
_refine.pdbx_overall_phase_error                 ? 
_refine.overall_SU_B                             ? 
_refine.overall_SU_R_Cruickshank_DPI             ? 
_refine.pdbx_overall_SU_R_free_Cruickshank_DPI   ? 
_refine.pdbx_overall_SU_R_Blow_DPI               ? 
_refine.pdbx_overall_SU_R_free_Blow_DPI          ? 
# 
_refine_analyze.pdbx_refine_id                  'X-RAY DIFFRACTION' 
_refine_analyze.entry_id                        1QFI 
_refine_analyze.Luzzati_coordinate_error_obs    ? 
_refine_analyze.Luzzati_sigma_a_obs             ? 
_refine_analyze.Luzzati_d_res_low_obs           ? 
_refine_analyze.Luzzati_coordinate_error_free   ? 
_refine_analyze.Luzzati_sigma_a_free            ? 
_refine_analyze.Luzzati_d_res_low_free          ? 
_refine_analyze.number_disordered_residues      9 
_refine_analyze.occupancy_sum_hydrogen          307.60 
_refine_analyze.occupancy_sum_non_hydrogen      310.80 
# 
_refine_hist.pdbx_refine_id                   'X-RAY DIFFRACTION' 
_refine_hist.cycle_id                         LAST 
_refine_hist.pdbx_number_atoms_protein        273 
_refine_hist.pdbx_number_atoms_nucleic_acid   0 
_refine_hist.pdbx_number_atoms_ligand         52 
_refine_hist.number_atoms_solvent             0 
_refine_hist.number_atoms_total               325 
_refine_hist.d_res_high                       0.91 
_refine_hist.d_res_low                        25.15 
# 
loop_
_refine_ls_restr.type 
_refine_ls_restr.dev_ideal 
_refine_ls_restr.dev_ideal_target 
_refine_ls_restr.weight 
_refine_ls_restr.number 
_refine_ls_restr.pdbx_refine_id 
_refine_ls_restr.pdbx_restraint_function 
s_bond_d               0.019 ? ? ? 'X-RAY DIFFRACTION' ? 
s_angle_d              0.000 ? ? ? 'X-RAY DIFFRACTION' ? 
s_similar_dist         0.027 ? ? ? 'X-RAY DIFFRACTION' ? 
s_from_restr_planes    0.124 ? ? ? 'X-RAY DIFFRACTION' ? 
s_zero_chiral_vol      0.000 ? ? ? 'X-RAY DIFFRACTION' ? 
s_non_zero_chiral_vol  0.000 ? ? ? 'X-RAY DIFFRACTION' ? 
s_anti_bump_dis_restr  0.000 ? ? ? 'X-RAY DIFFRACTION' ? 
s_rigid_bond_adp_cmpnt 0.005 ? ? ? 'X-RAY DIFFRACTION' ? 
s_similar_adp_cmpnt    0.030 ? ? ? 'X-RAY DIFFRACTION' ? 
s_approx_iso_adps      0.056 ? ? ? 'X-RAY DIFFRACTION' ? 
# 
_pdbx_refine.pdbx_refine_id                              'X-RAY DIFFRACTION' 
_pdbx_refine.entry_id                                    1QFI 
_pdbx_refine.R_factor_all_no_cutoff                      0.065 
_pdbx_refine.R_factor_obs_no_cutoff                      ? 
_pdbx_refine.free_R_factor_no_cutoff                     ? 
_pdbx_refine.free_R_error_no_cutoff                      ? 
_pdbx_refine.free_R_val_test_set_size_perc_no_cutoff     ? 
_pdbx_refine.free_R_val_test_set_ct_no_cutoff            ? 
_pdbx_refine.R_factor_all_4sig_cutoff                    0.062 
_pdbx_refine.R_factor_obs_4sig_cutoff                    ? 
_pdbx_refine.free_R_factor_4sig_cutoff                   ? 
_pdbx_refine.free_R_val_test_set_size_perc_4sig_cutoff   ? 
_pdbx_refine.free_R_val_test_set_ct_4sig_cutoff          ? 
_pdbx_refine.number_reflns_obs_4sig_cutoff               14554 
# 
_struct.entry_id                  1QFI 
_struct.title                     'SYNTHESIS AND STRUCTURE OF PROLINE RING MODIFIED ACTINOMYCINS OF X TYPE' 
_struct.pdbx_model_details        ? 
_struct.pdbx_CASP_flag            ? 
_struct.pdbx_model_type_details   ? 
# 
_struct_keywords.entry_id        1QFI 
_struct_keywords.pdbx_keywords   ANTIBIOTIC 
_struct_keywords.text            'ACTINOMYCIN, ANTICANCER, ANTITUMOR, CHROMOPHORE, DEPSIPEPTIDE, ANTIBIOTIC' 
# 
loop_
_struct_asym.id 
_struct_asym.pdbx_blank_PDB_chainid_flag 
_struct_asym.pdbx_modified 
_struct_asym.entity_id 
_struct_asym.details 
A N N 1 ? 
B N N 1 ? 
C N N 1 ? 
D N N 2 ? 
E N N 2 ? 
F N N 2 ? 
G N N 2 ? 
H N N 2 ? 
I N N 3 ? 
J N N 2 ? 
K N N 3 ? 
L N N 2 ? 
M N N 3 ? 
N N N 3 ? 
O N N 3 ? 
# 
_struct_ref.id                         1 
_struct_ref.db_name                    NOR 
_struct_ref.db_code                    NOR00232 
_struct_ref.entity_id                  1 
_struct_ref.pdbx_seq_one_letter_code   ? 
_struct_ref.pdbx_align_begin           ? 
_struct_ref.pdbx_db_accession          NOR00232 
_struct_ref.pdbx_db_isoform            ? 
# 
loop_
_struct_ref_seq.align_id 
_struct_ref_seq.ref_id 
_struct_ref_seq.pdbx_PDB_id_code 
_struct_ref_seq.pdbx_strand_id 
_struct_ref_seq.seq_align_beg 
_struct_ref_seq.pdbx_seq_align_beg_ins_code 
_struct_ref_seq.seq_align_end 
_struct_ref_seq.pdbx_seq_align_end_ins_code 
_struct_ref_seq.pdbx_db_accession 
_struct_ref_seq.db_align_beg 
_struct_ref_seq.pdbx_db_align_beg_ins_code 
_struct_ref_seq.db_align_end 
_struct_ref_seq.pdbx_db_align_end_ins_code 
_struct_ref_seq.pdbx_auth_seq_align_beg 
_struct_ref_seq.pdbx_auth_seq_align_end 
1 1 1QFI A 1 ? 11 ? NOR00232 1 ? 11 ? 1 11 
2 1 1QFI B 1 ? 11 ? NOR00232 1 ? 11 ? 1 11 
3 1 1QFI C 1 ? 11 ? NOR00232 1 ? 11 ? 1 11 
# 
loop_
_pdbx_struct_assembly.id 
_pdbx_struct_assembly.details 
_pdbx_struct_assembly.method_details 
_pdbx_struct_assembly.oligomeric_details 
_pdbx_struct_assembly.oligomeric_count 
1 author_defined_assembly ? monomeric 1 
2 author_defined_assembly ? monomeric 1 
3 author_defined_assembly ? monomeric 1 
# 
loop_
_pdbx_struct_assembly_gen.assembly_id 
_pdbx_struct_assembly_gen.oper_expression 
_pdbx_struct_assembly_gen.asym_id_list 
1 1 A,D,E,F,G,H,I 
2 1 B             
3 1 C,J,K,L,M,N,O 
# 
_pdbx_struct_oper_list.id                   1 
_pdbx_struct_oper_list.type                 'identity operation' 
_pdbx_struct_oper_list.name                 1_555 
_pdbx_struct_oper_list.symmetry_operation   x,y,z 
_pdbx_struct_oper_list.matrix[1][1]         1.0000000000 
_pdbx_struct_oper_list.matrix[1][2]         0.0000000000 
_pdbx_struct_oper_list.matrix[1][3]         0.0000000000 
_pdbx_struct_oper_list.vector[1]            0.0000000000 
_pdbx_struct_oper_list.matrix[2][1]         0.0000000000 
_pdbx_struct_oper_list.matrix[2][2]         1.0000000000 
_pdbx_struct_oper_list.matrix[2][3]         0.0000000000 
_pdbx_struct_oper_list.vector[2]            0.0000000000 
_pdbx_struct_oper_list.matrix[3][1]         0.0000000000 
_pdbx_struct_oper_list.matrix[3][2]         0.0000000000 
_pdbx_struct_oper_list.matrix[3][3]         1.0000000000 
_pdbx_struct_oper_list.vector[3]            0.0000000000 
# 
_struct_biol.id   1 
# 
loop_
_struct_conn.id 
_struct_conn.conn_type_id 
_struct_conn.pdbx_leaving_atom_flag 
_struct_conn.pdbx_PDB_id 
_struct_conn.ptnr1_label_asym_id 
_struct_conn.ptnr1_label_comp_id 
_struct_conn.ptnr1_label_seq_id 
_struct_conn.ptnr1_label_atom_id 
_struct_conn.pdbx_ptnr1_label_alt_id 
_struct_conn.pdbx_ptnr1_PDB_ins_code 
_struct_conn.pdbx_ptnr1_standard_comp_id 
_struct_conn.ptnr1_symmetry 
_struct_conn.ptnr2_label_asym_id 
_struct_conn.ptnr2_label_comp_id 
_struct_conn.ptnr2_label_seq_id 
_struct_conn.ptnr2_label_atom_id 
_struct_conn.pdbx_ptnr2_label_alt_id 
_struct_conn.pdbx_ptnr2_PDB_ins_code 
_struct_conn.ptnr1_auth_asym_id 
_struct_conn.ptnr1_auth_comp_id 
_struct_conn.ptnr1_auth_seq_id 
_struct_conn.ptnr2_auth_asym_id 
_struct_conn.ptnr2_auth_comp_id 
_struct_conn.ptnr2_auth_seq_id 
_struct_conn.ptnr2_symmetry 
_struct_conn.pdbx_ptnr3_label_atom_id 
_struct_conn.pdbx_ptnr3_label_seq_id 
_struct_conn.pdbx_ptnr3_label_comp_id 
_struct_conn.pdbx_ptnr3_label_asym_id 
_struct_conn.pdbx_ptnr3_label_alt_id 
_struct_conn.pdbx_ptnr3_PDB_ins_code 
_struct_conn.details 
_struct_conn.pdbx_dist_value 
_struct_conn.pdbx_value_order 
_struct_conn.pdbx_role 
covale1  covale both ? A THR 1  C     ? ? ? 1_555 A DVA 2  N  ? ? A THR 1  A DVA 2  1_555 ? ? ? ? ? ? ? 1.339 ? ? 
covale2  covale one  ? A THR 1  OG1   ? ? ? 1_555 A MVA 5  C  ? ? A THR 1  A MVA 5  1_555 ? ? ? ? ? ? ? 1.352 ? ? 
covale3  covale both ? A THR 1  N     ? ? ? 1_555 A PXZ 6  C0 ? ? A THR 1  A PXZ 6  1_555 ? ? ? ? ? ? ? 1.357 ? ? 
covale4  covale both ? A DVA 2  C     ? ? ? 1_555 A DPL 3  N  ? ? A DVA 2  A DPL 3  1_555 ? ? ? ? ? ? ? 1.347 ? ? 
covale5  covale both ? A DPL 3  C     ? ? ? 1_555 A SAR 4  N  ? ? A DPL 3  A SAR 4  1_555 ? ? ? ? ? ? ? 1.335 ? ? 
covale6  covale both ? A SAR 4  C     ? ? ? 1_555 A MVA 5  N  ? ? A SAR 4  A MVA 5  1_555 ? ? ? ? ? ? ? 1.346 ? ? 
covale7  covale both ? A PXZ 6  "C0'" ? ? ? 1_555 A THR 7  N  ? ? A PXZ 6  A THR 7  1_555 ? ? ? ? ? ? ? 1.337 ? ? 
covale8  covale both ? A THR 7  C     ? ? ? 1_555 A DVA 8  N  ? ? A THR 7  A DVA 8  1_555 ? ? ? ? ? ? ? 1.360 ? ? 
covale9  covale one  ? A THR 7  OG1   ? ? ? 1_555 A MVA 11 C  ? ? A THR 7  A MVA 11 1_555 ? ? ? ? ? ? ? 1.349 ? ? 
covale10 covale both ? A DVA 8  C     ? ? ? 1_555 A PRO 9  N  ? ? A DVA 8  A PRO 9  1_555 ? ? ? ? ? ? ? 1.335 ? ? 
covale11 covale both ? A PRO 9  C     ? ? ? 1_555 A SAR 10 N  ? ? A PRO 9  A SAR 10 1_555 ? ? ? ? ? ? ? 1.346 ? ? 
covale12 covale both ? A SAR 10 C     ? ? ? 1_555 A MVA 11 N  ? ? A SAR 10 A MVA 11 1_555 ? ? ? ? ? ? ? 1.346 ? ? 
covale13 covale both ? B THR 1  C     ? ? ? 1_555 B DVA 2  N  ? ? B THR 1  B DVA 2  1_555 ? ? ? ? ? ? ? 1.339 ? ? 
covale14 covale one  ? B THR 1  OG1   ? ? ? 1_555 B MVA 5  C  ? ? B THR 1  B MVA 5  1_555 ? ? ? ? ? ? ? 1.344 ? ? 
covale15 covale both ? B THR 1  N     ? ? ? 1_555 B PXZ 6  C0 ? ? B THR 1  B PXZ 6  1_555 ? ? ? ? ? ? ? 1.356 ? ? 
covale16 covale both ? B DVA 2  C     ? ? ? 1_555 B DPL 3  N  ? ? B DVA 2  B DPL 3  1_555 ? ? ? ? ? ? ? 1.350 ? ? 
covale17 covale both ? B DPL 3  C     ? ? ? 1_555 B SAR 4  N  ? ? B DPL 3  B SAR 4  1_555 ? ? ? ? ? ? ? 1.348 ? ? 
covale18 covale both ? B SAR 4  C     ? ? ? 1_555 B MVA 5  N  ? ? B SAR 4  B MVA 5  1_555 ? ? ? ? ? ? ? 1.338 ? ? 
covale19 covale both ? B PXZ 6  "C0'" ? ? ? 1_555 B THR 7  N  ? ? B PXZ 6  B THR 7  1_555 ? ? ? ? ? ? ? 1.352 ? ? 
covale20 covale both ? B THR 7  C     ? ? ? 1_555 B DVA 8  N  ? ? B THR 7  B DVA 8  1_555 ? ? ? ? ? ? ? 1.344 ? ? 
covale21 covale one  ? B THR 7  OG1   ? ? ? 1_555 B MVA 11 C  ? ? B THR 7  B MVA 11 1_555 ? ? ? ? ? ? ? 1.346 ? ? 
covale22 covale both ? B DVA 8  C     ? ? ? 1_555 B PRO 9  N  ? ? B DVA 8  B PRO 9  1_555 ? ? ? ? ? ? ? 1.338 ? ? 
covale23 covale both ? B PRO 9  C     ? ? ? 1_555 B SAR 10 N  ? ? B PRO 9  B SAR 10 1_555 ? ? ? ? ? ? ? 1.339 ? ? 
covale24 covale both ? B SAR 10 C     ? ? ? 1_555 B MVA 11 N  ? ? B SAR 10 B MVA 11 1_555 ? ? ? ? ? ? ? 1.341 ? ? 
covale25 covale both ? C THR 1  C     ? ? ? 1_555 C DVA 2  N  ? ? C THR 1  C DVA 2  1_555 ? ? ? ? ? ? ? 1.341 ? ? 
covale26 covale one  ? C THR 1  OG1   ? ? ? 1_555 C MVA 5  C  ? ? C THR 1  C MVA 5  1_555 ? ? ? ? ? ? ? 1.339 ? ? 
covale27 covale both ? C THR 1  N     ? ? ? 1_555 C PXZ 6  C0 ? ? C THR 1  C PXZ 6  1_555 ? ? ? ? ? ? ? 1.352 ? ? 
covale28 covale both ? C DVA 2  C     ? ? ? 1_555 C DPL 3  N  ? ? C DVA 2  C DPL 3  1_555 ? ? ? ? ? ? ? 1.342 ? ? 
covale29 covale both ? C DPL 3  C     ? ? ? 1_555 C SAR 4  N  ? ? C DPL 3  C SAR 4  1_555 ? ? ? ? ? ? ? 1.358 ? ? 
covale30 covale both ? C SAR 4  C     ? ? ? 1_555 C MVA 5  N  ? ? C SAR 4  C MVA 5  1_555 ? ? ? ? ? ? ? 1.361 ? ? 
covale31 covale both ? C PXZ 6  "C0'" ? ? ? 1_555 C THR 7  N  ? ? C PXZ 6  C THR 7  1_555 ? ? ? ? ? ? ? 1.343 ? ? 
covale32 covale both ? C THR 7  C     ? ? ? 1_555 C DVA 8  N  ? ? C THR 7  C DVA 8  1_555 ? ? ? ? ? ? ? 1.358 ? ? 
covale33 covale one  ? C THR 7  OG1   ? ? ? 1_555 C MVA 11 C  ? ? C THR 7  C MVA 11 1_555 ? ? ? ? ? ? ? 1.353 ? ? 
covale34 covale both ? C DVA 8  C     ? ? ? 1_555 C PRO 9  N  ? ? C DVA 8  C PRO 9  1_555 ? ? ? ? ? ? ? 1.331 ? ? 
covale35 covale both ? C PRO 9  C     ? ? ? 1_555 C SAR 10 N  ? ? C PRO 9  C SAR 10 1_555 ? ? ? ? ? ? ? 1.348 ? ? 
covale36 covale both ? C SAR 10 C     ? ? ? 1_555 C MVA 11 N  ? ? C SAR 10 C MVA 11 1_555 ? ? ? ? ? ? ? 1.342 ? ? 
# 
_struct_conn_type.id          covale 
_struct_conn_type.criteria    ? 
_struct_conn_type.reference   ? 
# 
loop_
_pdbx_modification_feature.ordinal 
_pdbx_modification_feature.label_comp_id 
_pdbx_modification_feature.label_asym_id 
_pdbx_modification_feature.label_seq_id 
_pdbx_modification_feature.label_alt_id 
_pdbx_modification_feature.modified_residue_label_comp_id 
_pdbx_modification_feature.modified_residue_label_asym_id 
_pdbx_modification_feature.modified_residue_label_seq_id 
_pdbx_modification_feature.modified_residue_label_alt_id 
_pdbx_modification_feature.auth_comp_id 
_pdbx_modification_feature.auth_asym_id 
_pdbx_modification_feature.auth_seq_id 
_pdbx_modification_feature.PDB_ins_code 
_pdbx_modification_feature.symmetry 
_pdbx_modification_feature.modified_residue_auth_comp_id 
_pdbx_modification_feature.modified_residue_auth_asym_id 
_pdbx_modification_feature.modified_residue_auth_seq_id 
_pdbx_modification_feature.modified_residue_PDB_ins_code 
_pdbx_modification_feature.modified_residue_symmetry 
_pdbx_modification_feature.comp_id_linking_atom 
_pdbx_modification_feature.modified_residue_id_linking_atom 
_pdbx_modification_feature.modified_residue_id 
_pdbx_modification_feature.ref_pcm_id 
_pdbx_modification_feature.ref_comp_id 
_pdbx_modification_feature.type 
_pdbx_modification_feature.category 
1  DPL A 3  ? .   . .  . DPL A 3  ? 1_555 .   . .  . .     .   .  PRO 1 DPL Oxidation   'Named protein modification' 
2  SAR A 4  ? .   . .  . SAR A 4  ? 1_555 .   . .  . .     .   .  GLY 1 SAR Methylation 'Named protein modification' 
3  MVA A 5  ? .   . .  . MVA A 5  ? 1_555 .   . .  . .     .   .  VAL 1 MVA Methylation 'Named protein modification' 
4  SAR A 10 ? .   . .  . SAR A 10 ? 1_555 .   . .  . .     .   .  GLY 1 SAR Methylation 'Named protein modification' 
5  MVA A 11 ? .   . .  . MVA A 11 ? 1_555 .   . .  . .     .   .  VAL 1 MVA Methylation 'Named protein modification' 
6  DPL B 3  ? .   . .  . DPL B 3  ? 1_555 .   . .  . .     .   .  PRO 1 DPL Oxidation   'Named protein modification' 
7  SAR B 4  ? .   . .  . SAR B 4  ? 1_555 .   . .  . .     .   .  GLY 1 SAR Methylation 'Named protein modification' 
8  MVA B 5  ? .   . .  . MVA B 5  ? 1_555 .   . .  . .     .   .  VAL 1 MVA Methylation 'Named protein modification' 
9  SAR B 10 ? .   . .  . SAR B 10 ? 1_555 .   . .  . .     .   .  GLY 1 SAR Methylation 'Named protein modification' 
10 MVA B 11 ? .   . .  . MVA B 11 ? 1_555 .   . .  . .     .   .  VAL 1 MVA Methylation 'Named protein modification' 
11 DPL C 3  ? .   . .  . DPL C 3  ? 1_555 .   . .  . .     .   .  PRO 1 DPL Oxidation   'Named protein modification' 
12 SAR C 4  ? .   . .  . SAR C 4  ? 1_555 .   . .  . .     .   .  GLY 1 SAR Methylation 'Named protein modification' 
13 MVA C 5  ? .   . .  . MVA C 5  ? 1_555 .   . .  . .     .   .  VAL 1 MVA Methylation 'Named protein modification' 
14 SAR C 10 ? .   . .  . SAR C 10 ? 1_555 .   . .  . .     .   .  GLY 1 SAR Methylation 'Named protein modification' 
15 MVA C 11 ? .   . .  . MVA C 11 ? 1_555 .   . .  . .     .   .  VAL 1 MVA Methylation 'Named protein modification' 
16 PXZ A 6  ? .   . .  . PXZ A 6  ? 1_555 .   . .  . .     .   .  ?   1 PXZ None        'Non-standard residue'       
17 PXZ B 6  ? .   . .  . PXZ B 6  ? 1_555 .   . .  . .     .   .  ?   1 PXZ None        'Non-standard residue'       
18 PXZ C 6  ? .   . .  . PXZ C 6  ? 1_555 .   . .  . .     .   .  ?   1 PXZ None        'Non-standard residue'       
19 THR A 1  ? MVA A 5  ? THR A 1  ? 1_555 MVA A 5  ? 1_555 OG1 C  .   . .   None        'Non-standard linkage'       
20 THR A 1  ? PXZ A 6  ? THR A 1  ? 1_555 PXZ A 6  ? 1_555 N   C0 .   . .   None        'Non-standard linkage'       
21 THR A 7  ? MVA A 11 ? THR A 7  ? 1_555 MVA A 11 ? 1_555 OG1 C  .   . .   None        'Non-standard linkage'       
22 THR B 1  ? MVA B 5  ? THR B 1  ? 1_555 MVA B 5  ? 1_555 OG1 C  .   . .   None        'Non-standard linkage'       
23 THR B 1  ? PXZ B 6  ? THR B 1  ? 1_555 PXZ B 6  ? 1_555 N   C0 .   . .   None        'Non-standard linkage'       
24 THR B 7  ? MVA B 11 ? THR B 7  ? 1_555 MVA B 11 ? 1_555 OG1 C  .   . .   None        'Non-standard linkage'       
25 THR C 1  ? MVA C 5  ? THR C 1  ? 1_555 MVA C 5  ? 1_555 OG1 C  .   . .   None        'Non-standard linkage'       
26 THR C 1  ? PXZ C 6  ? THR C 1  ? 1_555 PXZ C 6  ? 1_555 N   C0 .   . .   None        'Non-standard linkage'       
27 THR C 7  ? MVA C 11 ? THR C 7  ? 1_555 MVA C 11 ? 1_555 OG1 C  .   . .   None        'Non-standard linkage'       
# 
loop_
_struct_mon_prot_cis.pdbx_id 
_struct_mon_prot_cis.label_comp_id 
_struct_mon_prot_cis.label_seq_id 
_struct_mon_prot_cis.label_asym_id 
_struct_mon_prot_cis.label_alt_id 
_struct_mon_prot_cis.pdbx_PDB_ins_code 
_struct_mon_prot_cis.auth_comp_id 
_struct_mon_prot_cis.auth_seq_id 
_struct_mon_prot_cis.auth_asym_id 
_struct_mon_prot_cis.pdbx_label_comp_id_2 
_struct_mon_prot_cis.pdbx_label_seq_id_2 
_struct_mon_prot_cis.pdbx_label_asym_id_2 
_struct_mon_prot_cis.pdbx_PDB_ins_code_2 
_struct_mon_prot_cis.pdbx_auth_comp_id_2 
_struct_mon_prot_cis.pdbx_auth_seq_id_2 
_struct_mon_prot_cis.pdbx_auth_asym_id_2 
_struct_mon_prot_cis.pdbx_PDB_model_num 
_struct_mon_prot_cis.pdbx_omega_angle 
1  DVA 2 A . ? DVA 2 A DPL 3  A ? DPL 3  A 1 12.34  
2  DPL 3 A . ? DPL 3 A SAR 4  A ? SAR 4  A 1 5.47   
3  DVA 8 A . ? DVA 8 A PRO 9  A ? PRO 9  A 1 20.19  
4  PRO 9 A . ? PRO 9 A SAR 10 A ? SAR 10 A 1 -13.49 
5  DVA 2 B . ? DVA 2 B DPL 3  B ? DPL 3  B 1 14.18  
6  DPL 3 B . ? DPL 3 B SAR 4  B ? SAR 4  B 1 -8.76  
7  DVA 8 B . ? DVA 8 B PRO 9  B ? PRO 9  B 1 21.75  
8  PRO 9 B . ? PRO 9 B SAR 10 B ? SAR 10 B 1 -6.92  
9  DVA 2 C . ? DVA 2 C DPL 3  C ? DPL 3  C 1 14.94  
10 DPL 3 C . ? DPL 3 C SAR 4  C ? SAR 4  C 1 -12.58 
11 DVA 8 C . ? DVA 8 C PRO 9  C ? PRO 9  C 1 13.27  
12 PRO 9 C . ? PRO 9 C SAR 10 C ? SAR 10 C 1 -4.65  
# 
loop_
_struct_site.id 
_struct_site.pdbx_evidence_code 
_struct_site.pdbx_auth_asym_id 
_struct_site.pdbx_auth_comp_id 
_struct_site.pdbx_auth_seq_id 
_struct_site.pdbx_auth_ins_code 
_struct_site.pdbx_num_residues 
_struct_site.details 
AC1 Software A EEE 34 ? 6  'BINDING SITE FOR RESIDUE EEE A 34'          
AC2 Software A EEE 35 ? 6  'BINDING SITE FOR RESIDUE EEE A 35'          
AC3 Software A EEE 37 ? 3  'BINDING SITE FOR RESIDUE EEE A 37'          
AC4 Software A EEE 38 ? 6  'BINDING SITE FOR RESIDUE EEE A 38'          
AC5 Software A EEE 40 ? 6  'BINDING SITE FOR RESIDUE EEE A 40'          
AC6 Software C EEE 36 ? 4  'BINDING SITE FOR RESIDUE EEE C 36'          
AC7 Software C EEE 41 ? 5  'BINDING SITE FOR RESIDUE EEE C 41'          
AC8 Software ? ?   ?  ? 19 'BINDING SITE FOR CHAIN A OF ACTINOMYCIN X2' 
AC9 Software ? ?   ?  ? 21 'BINDING SITE FOR CHAIN B OF ACTINOMYCIN X2' 
BC1 Software ? ?   ?  ? 21 'BINDING SITE FOR CHAIN C OF ACTINOMYCIN X2' 
# 
loop_
_struct_site_gen.id 
_struct_site_gen.site_id 
_struct_site_gen.pdbx_num_res 
_struct_site_gen.label_comp_id 
_struct_site_gen.label_asym_id 
_struct_site_gen.label_seq_id 
_struct_site_gen.pdbx_auth_ins_code 
_struct_site_gen.auth_comp_id 
_struct_site_gen.auth_asym_id 
_struct_site_gen.auth_seq_id 
_struct_site_gen.label_atom_id 
_struct_site_gen.label_alt_id 
_struct_site_gen.symmetry 
_struct_site_gen.details 
1  AC1 6  THR A 1  ? THR A 1  . ? 1_565 ? 
2  AC1 6  THR A 7  ? THR A 7  . ? 1_555 ? 
3  AC1 6  EEE E .  ? EEE A 35 . ? 1_555 ? 
4  AC1 6  EEE F .  ? EEE A 37 . ? 1_555 ? 
5  AC1 6  SAR B 10 ? SAR B 10 . ? 1_565 ? 
6  AC1 6  EEE J .  ? EEE C 36 . ? 1_455 ? 
7  AC2 6  DVA A 8  ? DVA A 8  . ? 1_465 ? 
8  AC2 6  EEE D .  ? EEE A 34 . ? 1_555 ? 
9  AC2 6  EEE G .  ? EEE A 38 . ? 1_455 ? 
10 AC2 6  DVA C 2  ? DVA C 2  . ? 1_465 ? 
11 AC2 6  DPL C 3  ? DPL C 3  . ? 1_465 ? 
12 AC2 6  EEE J .  ? EEE C 36 . ? 1_455 ? 
13 AC3 3  MVA A 5  ? MVA A 5  . ? 1_565 ? 
14 AC3 3  EEE D .  ? EEE A 34 . ? 1_555 ? 
15 AC3 3  MVA C 5  ? MVA C 5  . ? 1_555 ? 
16 AC4 6  DVA A 2  ? DVA A 2  . ? 1_565 ? 
17 AC4 6  THR A 7  ? THR A 7  . ? 1_555 ? 
18 AC4 6  PRO A 9  ? PRO A 9  . ? 1_565 ? 
19 AC4 6  MVA A 11 ? MVA A 11 . ? 1_555 ? 
20 AC4 6  EEE E .  ? EEE A 35 . ? 1_655 ? 
21 AC4 6  MVA C 5  ? MVA C 5  . ? 1_555 ? 
22 AC5 6  DPL A 3  ? DPL A 3  . ? 1_555 ? 
23 AC5 6  DPL B 3  ? DPL B 3  . ? 1_564 ? 
24 AC5 6  THR C 1  ? THR C 1  . ? 1_455 ? 
25 AC5 6  PXZ C 6  ? PXZ C 6  . ? 1_455 ? 
26 AC5 6  PXZ C 6  ? PXZ C 6  . ? 1_555 ? 
27 AC5 6  EEE L .  ? EEE C 41 . ? 1_555 ? 
28 AC6 4  DPL A 3  ? DPL A 3  . ? 1_655 ? 
29 AC6 4  EEE D .  ? EEE A 34 . ? 1_655 ? 
30 AC6 4  EEE E .  ? EEE A 35 . ? 1_655 ? 
31 AC6 4  MVA C 5  ? MVA C 5  . ? 1_555 ? 
32 AC7 5  EEE H .  ? EEE A 40 . ? 1_555 ? 
33 AC7 5  MVA B 5  ? MVA B 5  . ? 1_554 ? 
34 AC7 5  DPL C 3  ? DPL C 3  . ? 1_555 ? 
35 AC7 5  THR C 7  ? THR C 7  . ? 1_555 ? 
36 AC7 5  PRO C 9  ? PRO C 9  . ? 1_455 ? 
37 AC8 19 EEE D .  ? EEE A 34 . ? 1_545 ? 
38 AC8 19 EEE D .  ? EEE A 34 . ? 1_555 ? 
39 AC8 19 EEE E .  ? EEE A 35 . ? 1_645 ? 
40 AC8 19 EEE F .  ? EEE A 37 . ? 1_545 ? 
41 AC8 19 EEE G .  ? EEE A 38 . ? 1_545 ? 
42 AC8 19 EEE G .  ? EEE A 38 . ? 1_555 ? 
43 AC8 19 EEE H .  ? EEE A 40 . ? 1_555 ? 
44 AC8 19 PXZ B 6  ? PXZ B 6  . ? 1_655 ? 
45 AC8 19 PXZ B 6  ? PXZ B 6  . ? 1_555 ? 
46 AC8 19 THR B 7  ? THR B 7  . ? 1_555 ? 
47 AC8 19 PRO B 9  ? PRO B 9  . ? 1_565 ? 
48 AC8 19 PRO B 9  ? PRO B 9  . ? 1_555 ? 
49 AC8 19 MVA B 11 ? MVA B 11 . ? 1_565 ? 
50 AC8 19 MVA B 11 ? MVA B 11 . ? 1_655 ? 
51 AC8 19 DPL C 3  ? DPL C 3  . ? 1_555 ? 
52 AC8 19 SAR C 4  ? SAR C 4  . ? 1_555 ? 
53 AC8 19 MVA C 5  ? MVA C 5  . ? 1_455 ? 
54 AC8 19 PXZ C 6  ? PXZ C 6  . ? 1_545 ? 
55 AC8 19 EEE J .  ? EEE C 36 . ? 1_455 ? 
56 AC9 21 THR A 1  ? THR A 1  . ? 1_555 ? 
57 AC9 21 PXZ A 6  ? PXZ A 6  . ? 1_545 ? 
58 AC9 21 PXZ A 6  ? PXZ A 6  . ? 1_555 ? 
59 AC9 21 THR A 7  ? THR A 7  . ? 1_555 ? 
60 AC9 21 PRO A 9  ? PRO A 9  . ? 1_455 ? 
61 AC9 21 PRO A 9  ? PRO A 9  . ? 1_555 ? 
62 AC9 21 MVA A 11 ? MVA A 11 . ? 1_555 ? 
63 AC9 21 MVA A 11 ? MVA A 11 . ? 1_455 ? 
64 AC9 21 MVA A 11 ? MVA A 11 . ? 1_545 ? 
65 AC9 21 EEE D .  ? EEE A 34 . ? 1_545 ? 
66 AC9 21 EEE H .  ? EEE A 40 . ? 1_546 ? 
67 AC9 21 DVA C 2  ? DVA C 2  . ? 1_456 ? 
68 AC9 21 PXZ C 6  ? PXZ C 6  . ? 1_446 ? 
69 AC9 21 DVA C 8  ? DVA C 8  . ? 1_456 ? 
70 AC9 21 PRO C 9  ? PRO C 9  . ? 1_446 ? 
71 AC9 21 SAR C 10 ? SAR C 10 . ? 1_446 ? 
72 AC9 21 SAR C 10 ? SAR C 10 . ? 1_456 ? 
73 AC9 21 MVA C 11 ? MVA C 11 . ? 1_456 ? 
74 AC9 21 MVA C 11 ? MVA C 11 . ? 1_446 ? 
75 AC9 21 MVA C 11 ? MVA C 11 . ? 1_546 ? 
76 AC9 21 EEE L .  ? EEE C 41 . ? 1_556 ? 
77 BC1 21 DVA A 2  ? DVA A 2  . ? 1_555 ? 
78 BC1 21 DPL A 3  ? DPL A 3  . ? 1_555 ? 
79 BC1 21 SAR A 4  ? SAR A 4  . ? 1_655 ? 
80 BC1 21 SAR A 4  ? SAR A 4  . ? 1_565 ? 
81 BC1 21 PXZ A 6  ? PXZ A 6  . ? 1_655 ? 
82 BC1 21 EEE E .  ? EEE A 35 . ? 1_645 ? 
83 BC1 21 EEE F .  ? EEE A 37 . ? 1_555 ? 
84 BC1 21 EEE G .  ? EEE A 38 . ? 1_555 ? 
85 BC1 21 EEE H .  ? EEE A 40 . ? 1_655 ? 
86 BC1 21 EEE H .  ? EEE A 40 . ? 1_555 ? 
87 BC1 21 DVA B 2  ? DVA B 2  . ? 1_664 ? 
88 BC1 21 DPL B 3  ? DPL B 3  . ? 1_664 ? 
89 BC1 21 DPL B 3  ? DPL B 3  . ? 1_654 ? 
90 BC1 21 MVA B 5  ? MVA B 5  . ? 1_564 ? 
91 BC1 21 PXZ B 6  ? PXZ B 6  . ? 1_654 ? 
92 BC1 21 DVA B 8  ? DVA B 8  . ? 1_664 ? 
93 BC1 21 DVA B 8  ? DVA B 8  . ? 1_564 ? 
94 BC1 21 MVA B 11 ? MVA B 11 . ? 1_664 ? 
95 BC1 21 EEE J .  ? EEE C 36 . ? 1_555 ? 
96 BC1 21 EEE L .  ? EEE C 41 . ? 1_655 ? 
97 BC1 21 EEE L .  ? EEE C 41 . ? 1_555 ? 
# 
_pdbx_entry_details.entry_id                   1QFI 
_pdbx_entry_details.compound_details           
;ACTINOMYCIN X2 IS A BICYCLIC PEPTIDE, A MEMBER OF THE                
 ACTINOMYCIN FAMILY.                                                  
 HERE, ACTINOMYCIN X2 IS REPRESENTED BY THE SEQUENCE (SEQRES)
;
_pdbx_entry_details.source_details             ? 
_pdbx_entry_details.nonpolymer_details         ? 
_pdbx_entry_details.sequence_details           ? 
_pdbx_entry_details.has_ligand_of_interest     ? 
_pdbx_entry_details.has_protein_modification   Y 
# 
_pdbx_molecule_features.prd_id    PRD_000007 
_pdbx_molecule_features.name      'Actinomycin X2' 
_pdbx_molecule_features.type      Polypeptide 
_pdbx_molecule_features.class     Antibiotic 
_pdbx_molecule_features.details   
;ACTINOMYCIN X2 CONSISTS OF TWO PENTAMER               
  RINGS LINKED BY THE CHROMOPHORE (PXZ)
;
# 
loop_
_pdbx_molecule.instance_id 
_pdbx_molecule.prd_id 
_pdbx_molecule.asym_id 
1 PRD_000007 A 
2 PRD_000007 B 
3 PRD_000007 C 
# 
loop_
_chem_comp_atom.comp_id 
_chem_comp_atom.atom_id 
_chem_comp_atom.type_symbol 
_chem_comp_atom.pdbx_aromatic_flag 
_chem_comp_atom.pdbx_stereo_config 
_chem_comp_atom.pdbx_ordinal 
DPL N      N N N 1   
DPL CA     C N S 2   
DPL C      C N N 3   
DPL O      O N N 4   
DPL CB     C N N 5   
DPL CG     C N N 6   
DPL CD     C N N 7   
DPL OG1    O N N 8   
DPL OXT    O N N 9   
DPL H      H N N 10  
DPL HA     H N N 11  
DPL HB2    H N N 12  
DPL HB3    H N N 13  
DPL HD3    H N N 14  
DPL HD2    H N N 15  
DPL HXT    H N N 16  
DVA N      N N N 17  
DVA CA     C N R 18  
DVA CB     C N N 19  
DVA CG1    C N N 20  
DVA CG2    C N N 21  
DVA C      C N N 22  
DVA O      O N N 23  
DVA OXT    O N N 24  
DVA H      H N N 25  
DVA H2     H N N 26  
DVA HA     H N N 27  
DVA HB     H N N 28  
DVA HG11   H N N 29  
DVA HG12   H N N 30  
DVA HG13   H N N 31  
DVA HG21   H N N 32  
DVA HG22   H N N 33  
DVA HG23   H N N 34  
DVA HXT    H N N 35  
EEE C1     C N N 36  
EEE C2     C N N 37  
EEE O1     O N N 38  
EEE O2     O N N 39  
EEE C3     C N N 40  
EEE C4     C N N 41  
EEE H21    H N N 42  
EEE H22    H N N 43  
EEE H23    H N N 44  
EEE H31    H N N 45  
EEE H32    H N N 46  
EEE H41    H N N 47  
EEE H42    H N N 48  
EEE H43    H N N 49  
MOH C      C N N 50  
MOH O      O N N 51  
MOH H1     H N N 52  
MOH H2     H N N 53  
MOH H3     H N N 54  
MOH HO     H N N 55  
MVA N      N N N 56  
MVA CN     C N N 57  
MVA CA     C N S 58  
MVA CB     C N N 59  
MVA CG1    C N N 60  
MVA CG2    C N N 61  
MVA C      C N N 62  
MVA O      O N N 63  
MVA OXT    O N N 64  
MVA H      H N N 65  
MVA HN1    H N N 66  
MVA HN2    H N N 67  
MVA HN3    H N N 68  
MVA HA     H N N 69  
MVA HB     H N N 70  
MVA HG11   H N N 71  
MVA HG12   H N N 72  
MVA HG13   H N N 73  
MVA HG21   H N N 74  
MVA HG22   H N N 75  
MVA HG23   H N N 76  
MVA HXT    H N N 77  
PRO N      N N N 78  
PRO CA     C N S 79  
PRO C      C N N 80  
PRO O      O N N 81  
PRO CB     C N N 82  
PRO CG     C N N 83  
PRO CD     C N N 84  
PRO OXT    O N N 85  
PRO H      H N N 86  
PRO HA     H N N 87  
PRO HB2    H N N 88  
PRO HB3    H N N 89  
PRO HG2    H N N 90  
PRO HG3    H N N 91  
PRO HD2    H N N 92  
PRO HD3    H N N 93  
PRO HXT    H N N 94  
PXZ C1     C N N 95  
PXZ C0     C N N 96  
PXZ O1     O N N 97  
PXZ C2     C N N 98  
PXZ N2     N N N 99  
PXZ C3     C N N 100 
PXZ O3     O N N 101 
PXZ C4     C N N 102 
PXZ O5     O N N 103 
PXZ C6     C Y N 104 
PXZ C7     C Y N 105 
PXZ C8     C Y N 106 
PXZ C9     C Y N 107 
PXZ "C0'"  C N N 108 
PXZ "O1'"  O N N 109 
PXZ N10    N N N 110 
PXZ C11    C N N 111 
PXZ C12    C N N 112 
PXZ C13    C Y N 113 
PXZ C14    C Y N 114 
PXZ C15    C N N 115 
PXZ C16    C N N 116 
PXZ HN21   H N N 117 
PXZ HN22   H N N 118 
PXZ H7     H N N 119 
PXZ H8     H N N 120 
PXZ H151   H N N 121 
PXZ H152   H N N 122 
PXZ H153   H N N 123 
PXZ H161   H N N 124 
PXZ H162   H N N 125 
PXZ H163   H N N 126 
PXZ "OXT'" O N N 127 
PXZ OXT    O N N 128 
PXZ "HXT'" H N N 129 
PXZ HXT    H N N 130 
SAR N      N N N 131 
SAR CA     C N N 132 
SAR C      C N N 133 
SAR O      O N N 134 
SAR CN     C N N 135 
SAR OXT    O N N 136 
SAR H      H N N 137 
SAR HA2    H N N 138 
SAR HA3    H N N 139 
SAR HN1    H N N 140 
SAR HN2    H N N 141 
SAR HN3    H N N 142 
SAR HXT    H N N 143 
THR N      N N N 144 
THR CA     C N S 145 
THR C      C N N 146 
THR O      O N N 147 
THR CB     C N R 148 
THR OG1    O N N 149 
THR CG2    C N N 150 
THR OXT    O N N 151 
THR H      H N N 152 
THR H2     H N N 153 
THR HA     H N N 154 
THR HB     H N N 155 
THR HG1    H N N 156 
THR HG21   H N N 157 
THR HG22   H N N 158 
THR HG23   H N N 159 
THR HXT    H N N 160 
# 
loop_
_chem_comp_bond.comp_id 
_chem_comp_bond.atom_id_1 
_chem_comp_bond.atom_id_2 
_chem_comp_bond.value_order 
_chem_comp_bond.pdbx_aromatic_flag 
_chem_comp_bond.pdbx_stereo_config 
_chem_comp_bond.pdbx_ordinal 
DPL N      CA     sing N N 1   
DPL N      CD     sing N N 2   
DPL N      H      sing N N 3   
DPL CA     C      sing N N 4   
DPL CA     CB     sing N N 5   
DPL CA     HA     sing N N 6   
DPL C      O      doub N N 7   
DPL C      OXT    sing N N 8   
DPL CB     CG     sing N N 9   
DPL CB     HB2    sing N N 10  
DPL CB     HB3    sing N N 11  
DPL CG     CD     sing N N 12  
DPL CG     OG1    doub N N 13  
DPL CD     HD3    sing N N 14  
DPL CD     HD2    sing N N 15  
DPL OXT    HXT    sing N N 16  
DVA N      CA     sing N N 17  
DVA N      H      sing N N 18  
DVA N      H2     sing N N 19  
DVA CA     CB     sing N N 20  
DVA CA     C      sing N N 21  
DVA CA     HA     sing N N 22  
DVA CB     CG1    sing N N 23  
DVA CB     CG2    sing N N 24  
DVA CB     HB     sing N N 25  
DVA CG1    HG11   sing N N 26  
DVA CG1    HG12   sing N N 27  
DVA CG1    HG13   sing N N 28  
DVA CG2    HG21   sing N N 29  
DVA CG2    HG22   sing N N 30  
DVA CG2    HG23   sing N N 31  
DVA C      O      doub N N 32  
DVA C      OXT    sing N N 33  
DVA OXT    HXT    sing N N 34  
EEE C1     C2     sing N N 35  
EEE C1     O1     doub N N 36  
EEE C1     O2     sing N N 37  
EEE C2     H21    sing N N 38  
EEE C2     H22    sing N N 39  
EEE C2     H23    sing N N 40  
EEE O2     C3     sing N N 41  
EEE C3     C4     sing N N 42  
EEE C3     H31    sing N N 43  
EEE C3     H32    sing N N 44  
EEE C4     H41    sing N N 45  
EEE C4     H42    sing N N 46  
EEE C4     H43    sing N N 47  
MOH C      O      sing N N 48  
MOH C      H1     sing N N 49  
MOH C      H2     sing N N 50  
MOH C      H3     sing N N 51  
MOH O      HO     sing N N 52  
MVA N      CN     sing N N 53  
MVA N      CA     sing N N 54  
MVA N      H      sing N N 55  
MVA CN     HN1    sing N N 56  
MVA CN     HN2    sing N N 57  
MVA CN     HN3    sing N N 58  
MVA CA     CB     sing N N 59  
MVA CA     C      sing N N 60  
MVA CA     HA     sing N N 61  
MVA CB     CG1    sing N N 62  
MVA CB     CG2    sing N N 63  
MVA CB     HB     sing N N 64  
MVA CG1    HG11   sing N N 65  
MVA CG1    HG12   sing N N 66  
MVA CG1    HG13   sing N N 67  
MVA CG2    HG21   sing N N 68  
MVA CG2    HG22   sing N N 69  
MVA CG2    HG23   sing N N 70  
MVA C      O      doub N N 71  
MVA C      OXT    sing N N 72  
MVA OXT    HXT    sing N N 73  
PRO N      CA     sing N N 74  
PRO N      CD     sing N N 75  
PRO N      H      sing N N 76  
PRO CA     C      sing N N 77  
PRO CA     CB     sing N N 78  
PRO CA     HA     sing N N 79  
PRO C      O      doub N N 80  
PRO C      OXT    sing N N 81  
PRO CB     CG     sing N N 82  
PRO CB     HB2    sing N N 83  
PRO CB     HB3    sing N N 84  
PRO CG     CD     sing N N 85  
PRO CG     HG2    sing N N 86  
PRO CG     HG3    sing N N 87  
PRO CD     HD2    sing N N 88  
PRO CD     HD3    sing N N 89  
PRO OXT    HXT    sing N N 90  
PXZ C1     C0     sing N N 91  
PXZ C1     C2     doub N N 92  
PXZ C1     C11    sing N N 93  
PXZ C0     O1     doub N N 94  
PXZ C2     N2     sing N N 95  
PXZ C2     C3     sing N N 96  
PXZ N2     HN21   sing N N 97  
PXZ N2     HN22   sing N N 98  
PXZ C3     O3     doub N N 99  
PXZ C3     C4     sing N N 100 
PXZ C4     C12    doub N N 101 
PXZ C4     C15    sing N N 102 
PXZ O5     C12    sing N N 103 
PXZ O5     C13    sing N N 104 
PXZ C6     C7     doub Y N 105 
PXZ C6     C13    sing Y N 106 
PXZ C6     C16    sing N N 107 
PXZ C7     C8     sing Y N 108 
PXZ C7     H7     sing N N 109 
PXZ C8     C9     doub Y N 110 
PXZ C8     H8     sing N N 111 
PXZ C9     "C0'"  sing N N 112 
PXZ C9     C14    sing Y N 113 
PXZ "C0'"  "O1'"  doub N N 114 
PXZ N10    C11    doub N N 115 
PXZ N10    C14    sing N N 116 
PXZ C11    C12    sing N N 117 
PXZ C13    C14    doub Y N 118 
PXZ C15    H151   sing N N 119 
PXZ C15    H152   sing N N 120 
PXZ C15    H153   sing N N 121 
PXZ C16    H161   sing N N 122 
PXZ C16    H162   sing N N 123 
PXZ C16    H163   sing N N 124 
PXZ "C0'"  "OXT'" sing N N 125 
PXZ C0     OXT    sing N N 126 
PXZ "OXT'" "HXT'" sing N N 127 
PXZ OXT    HXT    sing N N 128 
SAR N      CA     sing N N 129 
SAR N      CN     sing N N 130 
SAR N      H      sing N N 131 
SAR CA     C      sing N N 132 
SAR CA     HA2    sing N N 133 
SAR CA     HA3    sing N N 134 
SAR C      O      doub N N 135 
SAR C      OXT    sing N N 136 
SAR CN     HN1    sing N N 137 
SAR CN     HN2    sing N N 138 
SAR CN     HN3    sing N N 139 
SAR OXT    HXT    sing N N 140 
THR N      CA     sing N N 141 
THR N      H      sing N N 142 
THR N      H2     sing N N 143 
THR CA     C      sing N N 144 
THR CA     CB     sing N N 145 
THR CA     HA     sing N N 146 
THR C      O      doub N N 147 
THR C      OXT    sing N N 148 
THR CB     OG1    sing N N 149 
THR CB     CG2    sing N N 150 
THR CB     HB     sing N N 151 
THR OG1    HG1    sing N N 152 
THR CG2    HG21   sing N N 153 
THR CG2    HG22   sing N N 154 
THR CG2    HG23   sing N N 155 
THR OXT    HXT    sing N N 156 
# 
_atom_sites.entry_id                    1QFI 
_atom_sites.fract_transf_matrix[1][1]   0.05828249 
_atom_sites.fract_transf_matrix[1][2]   -0.01080953 
_atom_sites.fract_transf_matrix[1][3]   0.03441813 
_atom_sites.fract_transf_matrix[2][1]   -0.04535675 
_atom_sites.fract_transf_matrix[2][2]   0.02815027 
_atom_sites.fract_transf_matrix[2][3]   0.03994623 
_atom_sites.fract_transf_matrix[3][1]   -0.01403417 
_atom_sites.fract_transf_matrix[3][2]   -0.03640367 
_atom_sites.fract_transf_matrix[3][3]   0.00713921 
_atom_sites.fract_transf_vector[1]      0.662982 
_atom_sites.fract_transf_vector[2]      0.677692 
_atom_sites.fract_transf_vector[3]      0.415884 
# 
loop_
_atom_type.symbol 
C 
N 
O 
# 
loop_
_atom_site.group_PDB 
_atom_site.id 
_atom_site.type_symbol 
_atom_site.label_atom_id 
_atom_site.label_alt_id 
_atom_site.label_comp_id 
_atom_site.label_asym_id 
_atom_site.label_entity_id 
_atom_site.label_seq_id 
_atom_site.pdbx_PDB_ins_code 
_atom_site.Cartn_x 
_atom_site.Cartn_y 
_atom_site.Cartn_z 
_atom_site.occupancy 
_atom_site.B_iso_or_equiv 
_atom_site.pdbx_formal_charge 
_atom_site.auth_seq_id 
_atom_site.auth_comp_id 
_atom_site.auth_asym_id 
_atom_site.auth_atom_id 
_atom_site.pdbx_PDB_model_num 
ATOM   1   N N     . THR A 1 1  ? -2.102  -1.143  -3.091  1.00 2.74  ? 1  THR A N     1 
ATOM   2   C CA    . THR A 1 1  ? -0.732  -0.828  -2.767  1.00 2.60  ? 1  THR A CA    1 
ATOM   3   C C     . THR A 1 1  ? -0.708  0.577   -2.108  1.00 2.66  ? 1  THR A C     1 
ATOM   4   O O     . THR A 1 1  ? -1.629  1.370   -2.277  1.00 3.49  ? 1  THR A O     1 
ATOM   5   C CB    . THR A 1 1  ? 0.208   -0.745  -3.989  1.00 2.66  ? 1  THR A CB    1 
ATOM   6   O OG1   . THR A 1 1  ? -0.289  0.391   -4.797  1.00 2.98  ? 1  THR A OG1   1 
ATOM   7   C CG2   . THR A 1 1  ? 0.223   -1.976  -4.871  1.00 3.28  ? 1  THR A CG2   1 
HETATM 8   N N     . DVA A 1 2  ? 0.434   0.857   -1.468  1.00 2.94  ? 2  DVA A N     1 
HETATM 9   C CA    . DVA A 1 2  ? 0.827   2.238   -1.146  1.00 3.45  ? 2  DVA A CA    1 
HETATM 10  C CB    . DVA A 1 2  ? 2.360   2.367   -1.077  1.00 4.28  ? 2  DVA A CB    1 
HETATM 11  C CG1   . DVA A 1 2  ? 3.036   1.749   -2.323  1.00 4.68  ? 2  DVA A CG1   1 
HETATM 12  C CG2   . DVA A 1 2  ? 2.744   3.848   -0.947  1.00 5.95  ? 2  DVA A CG2   1 
HETATM 13  C C     . DVA A 1 2  ? 0.229   2.675   0.193   1.00 4.22  ? 2  DVA A C     1 
HETATM 14  O O     . DVA A 1 2  ? 0.616   2.141   1.243   1.00 4.62  ? 2  DVA A O     1 
HETATM 15  N N     . DPL A 1 3  ? -0.674  3.675   0.206   1.00 4.90  ? 3  DPL A N     1 
HETATM 16  C CA    . DPL A 1 3  ? -1.357  4.251   -0.952  1.00 4.69  ? 3  DPL A CA    1 
HETATM 17  C C     . DPL A 1 3  ? -0.460  5.309   -1.612  1.00 5.32  ? 3  DPL A C     1 
HETATM 18  O O     . DPL A 1 3  ? 0.135   6.112   -0.872  1.00 7.48  ? 3  DPL A O     1 
HETATM 19  C CB    . DPL A 1 3  ? -2.600  4.934   -0.356  1.00 5.98  ? 3  DPL A CB    1 
HETATM 20  C CG    . DPL A 1 3  ? -2.322  5.061   1.104   1.00 11.73 ? 3  DPL A CG    1 
HETATM 21  C CD    . DPL A 1 3  ? -1.147  4.228   1.459   1.00 7.50  ? 3  DPL A CD    1 
HETATM 22  O OG1   . DPL A 1 3  ? -2.994  5.674   1.865   1.00 26.80 ? 3  DPL A OG1   1 
HETATM 23  N N     . SAR A 1 4  ? -0.374  5.369   -2.943  1.00 5.10  ? 4  SAR A N     1 
HETATM 24  C CA    . SAR A 1 4  ? -1.152  4.577   -3.885  1.00 4.55  ? 4  SAR A CA    1 
HETATM 25  C C     . SAR A 1 4  ? -0.293  3.576   -4.669  1.00 3.82  ? 4  SAR A C     1 
HETATM 26  O O     . SAR A 1 4  ? 0.883   3.378   -4.367  1.00 4.16  ? 4  SAR A O     1 
HETATM 27  C CN    . SAR A 1 4  ? 0.474   6.433   -3.527  1.00 6.71  ? 4  SAR A CN    1 
HETATM 28  N N     . MVA A 1 5  ? -0.879  2.938   -5.700  1.00 3.81  ? 5  MVA A N     1 
HETATM 29  C CN    . MVA A 1 5  ? -2.304  2.994   -5.989  1.00 5.22  ? 5  MVA A CN    1 
HETATM 30  C CA    . MVA A 1 5  ? -0.062  2.007   -6.509  1.00 3.75  ? 5  MVA A CA    1 
HETATM 31  C CB    . MVA A 1 5  ? 0.968   2.722   -7.425  1.00 4.38  ? 5  MVA A CB    1 
HETATM 32  C CG1   . MVA A 1 5  ? 0.384   4.002   -8.010  1.00 5.41  ? 5  MVA A CG1   1 
HETATM 33  C CG2   . MVA A 1 5  ? 1.351   1.788   -8.575  1.00 6.50  ? 5  MVA A CG2   1 
HETATM 34  C C     . MVA A 1 5  ? 0.618   0.955   -5.626  1.00 3.34  ? 5  MVA A C     1 
HETATM 35  O O     . MVA A 1 5  ? 1.766   0.603   -5.719  1.00 4.61  ? 5  MVA A O     1 
HETATM 36  C C1    . PXZ A 1 6  ? -4.019  -2.574  -3.496  1.00 2.78  ? 6  PXZ A C1    1 
HETATM 37  C C0    . PXZ A 1 6  ? -2.573  -2.413  -3.171  1.00 2.62  ? 6  PXZ A C0    1 
HETATM 38  O O1    . PXZ A 1 6  ? -1.807  -3.378  -3.097  1.00 2.94  ? 6  PXZ A O1    1 
HETATM 39  C C2    . PXZ A 1 6  ? -4.417  -3.639  -4.317  1.00 2.88  ? 6  PXZ A C2    1 
HETATM 40  N N2    . PXZ A 1 6  ? -3.633  -4.649  -4.678  1.00 3.22  ? 6  PXZ A N2    1 
HETATM 41  C C3    . PXZ A 1 6  ? -5.819  -3.728  -4.872  1.00 3.10  ? 6  PXZ A C3    1 
HETATM 42  O O3    . PXZ A 1 6  ? -6.093  -4.630  -5.670  1.00 3.88  ? 6  PXZ A O3    1 
HETATM 43  C C4    . PXZ A 1 6  ? -6.785  -2.728  -4.461  1.00 3.38  ? 6  PXZ A C4    1 
HETATM 44  O O5    . PXZ A 1 6  ? -7.327  -0.892  -3.139  1.00 3.55  ? 6  PXZ A O5    1 
HETATM 45  C C6    . PXZ A 1 6  ? -8.074  0.802   -1.698  1.00 3.91  ? 6  PXZ A C6    1 
HETATM 46  C C7    . PXZ A 1 6  ? -7.809  1.640   -0.620  1.00 4.28  ? 6  PXZ A C7    1 
HETATM 47  C C8    . PXZ A 1 6  ? -6.539  1.683   -0.003  1.00 3.96  ? 6  PXZ A C8    1 
HETATM 48  C C9    . PXZ A 1 6  ? -5.505  0.866   -0.468  1.00 3.24  ? 6  PXZ A C9    1 
HETATM 49  C "C0'" . PXZ A 1 6  ? -4.161  1.061   0.188   1.00 3.29  ? 6  PXZ A "C0'" 1 
HETATM 50  O "O1'" . PXZ A 1 6  ? -3.762  2.220   0.371   1.00 4.55  ? 6  PXZ A "O1'" 1 
HETATM 51  N N10   . PXZ A 1 6  ? -4.744  -0.808  -2.049  1.00 2.95  ? 6  PXZ A N10   1 
HETATM 52  C C11   . PXZ A 1 6  ? -5.030  -1.673  -3.004  1.00 2.76  ? 6  PXZ A C11   1 
HETATM 53  C C12   . PXZ A 1 6  ? -6.388  -1.805  -3.540  1.00 3.22  ? 6  PXZ A C12   1 
HETATM 54  C C13   . PXZ A 1 6  ? -7.038  -0.036  -2.103  1.00 3.36  ? 6  PXZ A C13   1 
HETATM 55  C C14   . PXZ A 1 6  ? -5.758  -0.014  -1.531  1.00 2.97  ? 6  PXZ A C14   1 
HETATM 56  C C15   . PXZ A 1 6  ? -8.196  -2.780  -5.011  1.00 4.45  ? 6  PXZ A C15   1 
HETATM 57  C C16   . PXZ A 1 6  ? -9.413  0.769   -2.412  1.00 5.21  ? 6  PXZ A C16   1 
ATOM   58  N N     . THR A 1 7  ? -3.474  -0.002  0.619   1.00 3.23  ? 7  THR A N     1 
ATOM   59  C CA    . THR A 1 7  ? -2.199  0.189   1.304   1.00 3.48  ? 7  THR A CA    1 
ATOM   60  C C     . THR A 1 7  ? -1.251  -0.964  1.023   1.00 2.99  ? 7  THR A C     1 
ATOM   61  O O     . THR A 1 7  ? -1.607  -2.079  0.627   1.00 3.60  ? 7  THR A O     1 
ATOM   62  C CB    . THR A 1 7  ? -2.346  0.292   2.831   1.00 5.26  ? 7  THR A CB    1 
ATOM   63  O OG1   . THR A 1 7  ? -2.680  -1.042  3.304   1.00 5.44  ? 7  THR A OG1   1 
ATOM   64  C CG2   . THR A 1 7  ? -3.396  1.275   3.320   1.00 6.88  ? 7  THR A CG2   1 
HETATM 65  N N     . DVA A 1 8  ? 0.039   -0.678  1.344   1.00 3.16  ? 8  DVA A N     1 
HETATM 66  C CA    . DVA A 1 8  ? 1.072   -1.704  1.472   1.00 2.95  ? 8  DVA A CA    1 
HETATM 67  C CB    . DVA A 1 8  ? 2.262   -1.120  2.272   1.00 4.11  ? 8  DVA A CB    1 
HETATM 68  C CG1   . DVA A 1 8  ? 3.330   -2.199  2.502   1.00 5.36  ? 8  DVA A CG1   1 
HETATM 69  C CG2   . DVA A 1 8  ? 1.795   -0.571  3.622   1.00 5.66  ? 8  DVA A CG2   1 
HETATM 70  C C     . DVA A 1 8  ? 1.555   -2.174  0.099   1.00 2.95  ? 8  DVA A C     1 
HETATM 71  O O     . DVA A 1 8  ? 2.104   -1.362  -0.677  1.00 4.05  ? 8  DVA A O     1 
ATOM   72  N N     . PRO A 1 9  ? 1.428   -3.465  -0.216  1.00 3.26  ? 9  PRO A N     1 
ATOM   73  C CA    . PRO A 1 9  ? 0.525   -4.432  0.410   1.00 3.46  ? 9  PRO A CA    1 
ATOM   74  C C     . PRO A 1 9  ? 1.153   -5.127  1.619   1.00 3.63  ? 9  PRO A C     1 
ATOM   75  O O     . PRO A 1 9  ? 2.363   -5.280  1.684   1.00 4.03  ? 9  PRO A O     1 
ATOM   76  C CB    . PRO A 1 9  ? 0.341   -5.476  -0.719  1.00 5.58  ? 9  PRO A CB    1 
ATOM   77  C CG    . PRO A 1 9  ? 1.672   -5.462  -1.412  1.00 5.69  ? 9  PRO A CG    1 
ATOM   78  C CD    . PRO A 1 9  ? 2.025   -3.985  -1.476  1.00 4.87  ? 9  PRO A CD    1 
HETATM 79  N N     . SAR A 1 10 ? 0.330   -5.613  2.567   1.00 4.52  ? 10 SAR A N     1 
HETATM 80  C CA    . SAR A 1 10 ? -1.087  -5.278  2.661   1.00 5.43  ? 10 SAR A CA    1 
HETATM 81  C C     . SAR A 1 10 ? -1.305  -4.053  3.523   1.00 5.34  ? 10 SAR A C     1 
HETATM 82  O O     . SAR A 1 10 ? -0.353  -3.397  3.951   1.00 5.35  ? 10 SAR A O     1 
HETATM 83  C CN    . SAR A 1 10 ? 0.924   -6.281  3.716   1.00 5.71  ? 10 SAR A CN    1 
HETATM 84  N N     . MVA A 1 11 ? -2.577  -3.770  3.861   1.00 6.32  ? 11 MVA A N     1 
HETATM 85  C CN    . MVA A 1 11 ? -3.740  -4.483  3.271   1.00 7.74  ? 11 MVA A CN    1 
HETATM 86  C CA    . MVA A 1 11 ? -2.787  -2.772  4.934   1.00 7.54  ? 11 MVA A CA    1 
HETATM 87  C CB    . MVA A 1 11 ? -2.333  -3.290  6.286   1.00 9.79  ? 11 MVA A CB    1 
HETATM 88  C CG1   . MVA A 1 11 ? -2.684  -4.823  6.428   1.00 16.14 ? 11 MVA A CG1   1 
HETATM 89  C CG2   . MVA A 1 11 ? -2.949  -2.515  7.383   1.00 11.46 ? 11 MVA A CG2   1 
HETATM 90  C C     . MVA A 1 11 ? -2.248  -1.399  4.531   1.00 6.65  ? 11 MVA A C     1 
HETATM 91  O O     . MVA A 1 11 ? -1.600  -0.684  5.237   1.00 8.50  ? 11 MVA A O     1 
ATOM   92  N N     . THR B 1 1  ? -4.285  -7.943  -1.943  1.00 2.96  ? 1  THR B N     1 
ATOM   93  C CA    . THR B 1 1  ? -3.450  -8.993  -2.469  1.00 3.00  ? 1  THR B CA    1 
ATOM   94  C C     . THR B 1 1  ? -4.326  -10.099 -3.065  1.00 3.07  ? 1  THR B C     1 
ATOM   95  O O     . THR B 1 1  ? -5.476  -10.276 -2.650  1.00 3.54  ? 1  THR B O     1 
ATOM   96  C CB    . THR B 1 1  ? -2.508  -9.642  -1.432  1.00 3.30  ? 1  THR B CB    1 
ATOM   97  O OG1   . THR B 1 1  ? -3.356  -10.382 -0.491  1.00 3.78  ? 1  THR B OG1   1 
ATOM   98  C CG2   . THR B 1 1  ? -1.639  -8.670  -0.655  1.00 4.02  ? 1  THR B CG2   1 
HETATM 99  N N     . DVA B 1 2  ? -3.705  -10.889 -3.949  1.00 3.28  ? 2  DVA B N     1 
HETATM 100 C CA    . DVA B 1 2  ? -4.219  -12.211 -4.328  1.00 3.37  ? 2  DVA B CA    1 
HETATM 101 C CB    . DVA B 1 2  ? -3.037  -13.154 -4.686  1.00 4.33  ? 2  DVA B CB    1 
HETATM 102 C CG1   . DVA B 1 2  ? -3.556  -14.576 -4.966  1.00 5.49  ? 2  DVA B CG1   1 
HETATM 103 C CG2   . DVA B 1 2  ? -1.996  -13.210 -3.585  1.00 5.35  ? 2  DVA B CG2   1 
HETATM 104 C C     . DVA B 1 2  ? -5.157  -12.106 -5.513  1.00 3.19  ? 2  DVA B C     1 
HETATM 105 O O     . DVA B 1 2  ? -4.717  -11.790 -6.633  1.00 3.91  ? 2  DVA B O     1 
HETATM 106 N N     . DPL B 1 3  ? -6.465  -12.395 -5.345  1.00 3.53  ? 3  DPL B N     1 
HETATM 107 C CA    . DPL B 1 3  ? -7.167  -12.532 -4.052  1.00 3.52  ? 3  DPL B CA    1 
HETATM 108 C C     . DPL B 1 3  ? -6.951  -13.914 -3.455  1.00 3.72  ? 3  DPL B C     1 
HETATM 109 O O     . DPL B 1 3  ? -6.876  -14.895 -4.208  1.00 4.78  ? 3  DPL B O     1 
HETATM 110 C CB    . DPL B 1 3  ? -8.660  -12.290 -4.377  1.00 4.25  ? 3  DPL B CB    1 
HETATM 111 C CG    . DPL B 1 3  ? -8.756  -12.185 -5.869  1.00 5.64  ? 3  DPL B CG    1 
HETATM 112 C CD    . DPL B 1 3  ? -7.387  -12.325 -6.482  1.00 4.49  ? 3  DPL B CD    1 
HETATM 113 O OG1   . DPL B 1 3  ? -9.730  -11.946 -6.503  1.00 9.80  ? 3  DPL B OG1   1 
HETATM 114 N N     . SAR B 1 4  ? -6.865  -14.058 -2.118  1.00 3.94  ? 4  SAR B N     1 
HETATM 115 C CA    . SAR B 1 4  ? -6.780  -12.985 -1.136  1.00 4.28  ? 4  SAR B CA    1 
HETATM 116 C C     . SAR B 1 4  ? -5.337  -12.837 -0.616  1.00 3.64  ? 4  SAR B C     1 
HETATM 117 O O     . SAR B 1 4  ? -4.410  -13.333 -1.256  1.00 4.27  ? 4  SAR B O     1 
HETATM 118 C CN    . SAR B 1 4  ? -6.614  -15.387 -1.569  1.00 5.09  ? 4  SAR B CN    1 
HETATM 119 N N     . MVA B 1 5  ? -5.143  -12.171 0.528   1.00 4.29  ? 5  MVA B N     1 
HETATM 120 C CN    . MVA B 1 5  ? -6.157  -11.410 1.236   1.00 8.29  ? 5  MVA B CN    1 
HETATM 121 C CA    . MVA B 1 5  ? -3.773  -12.113 1.070   1.00 4.87  ? 5  MVA B CA    1 
HETATM 122 C CB    . MVA B 1 5  ? -3.264  -13.478 1.608   1.00 7.35  ? 5  MVA B CB    1 
HETATM 123 C CG1   . MVA B 1 5  ? -4.367  -14.161 2.423   1.00 12.97 ? 5  MVA B CG1   1 
HETATM 124 C CG2   . MVA B 1 5  ? -2.037  -13.261 2.513   1.00 7.76  ? 5  MVA B CG2   1 
HETATM 125 C C     . MVA B 1 5  ? -2.812  -11.487 0.047   1.00 4.32  ? 5  MVA B C     1 
HETATM 126 O O     . MVA B 1 5  ? -1.708  -11.883 -0.187  1.00 5.15  ? 5  MVA B O     1 
HETATM 127 C C1    . PXZ B 1 6  ? -4.875  -5.622  -1.536  1.00 2.78  ? 6  PXZ B C1    1 
HETATM 128 C C0    . PXZ B 1 6  ? -3.890  -6.646  -1.958  1.00 2.68  ? 6  PXZ B C0    1 
HETATM 129 O O1    . PXZ B 1 6  ? -2.727  -6.329  -2.277  1.00 3.19  ? 6  PXZ B O1    1 
HETATM 130 C C2    . PXZ B 1 6  ? -4.436  -4.555  -0.751  1.00 2.83  ? 6  PXZ B C2    1 
HETATM 131 N N2    . PXZ B 1 6  ? -3.144  -4.330  -0.421  1.00 3.29  ? 6  PXZ B N2    1 
HETATM 132 C C3    . PXZ B 1 6  ? -5.409  -3.565  -0.177  1.00 3.06  ? 6  PXZ B C3    1 
HETATM 133 O O3    . PXZ B 1 6  ? -4.970  -2.673  0.566   1.00 3.75  ? 6  PXZ B O3    1 
HETATM 134 C C4    . PXZ B 1 6  ? -6.809  -3.695  -0.507  1.00 3.28  ? 6  PXZ B C4    1 
HETATM 135 O O5    . PXZ B 1 6  ? -8.477  -4.716  -1.745  1.00 3.56  ? 6  PXZ B O5    1 
HETATM 136 C C6    . PXZ B 1 6  ? -10.210 -5.420  -3.191  1.00 3.72  ? 6  PXZ B C6    1 
HETATM 137 C C7    . PXZ B 1 6  ? -10.585 -6.182  -4.286  1.00 4.03  ? 6  PXZ B C7    1 
HETATM 138 C C8    . PXZ B 1 6  ? -9.679  -7.032  -4.930  1.00 3.91  ? 6  PXZ B C8    1 
HETATM 139 C C9    . PXZ B 1 6  ? -8.373  -7.138  -4.490  1.00 3.25  ? 6  PXZ B C9    1 
HETATM 140 C "C0'" . PXZ B 1 6  ? -7.489  -8.160  -5.163  1.00 3.20  ? 6  PXZ B "C0'" 1 
HETATM 141 O "O1'" . PXZ B 1 6  ? -7.804  -9.348  -5.142  1.00 4.12  ? 6  PXZ B "O1'" 1 
HETATM 142 N N10   . PXZ B 1 6  ? -6.629  -6.473  -2.915  1.00 2.83  ? 6  PXZ B N10   1 
HETATM 143 C C11   . PXZ B 1 6  ? -6.248  -5.637  -1.968  1.00 2.80  ? 6  PXZ B C11   1 
HETATM 144 C C12   . PXZ B 1 6  ? -7.171  -4.648  -1.388  1.00 3.13  ? 6  PXZ B C12   1 
HETATM 145 C C13   . PXZ B 1 6  ? -8.865  -5.512  -2.799  1.00 3.17  ? 6  PXZ B C13   1 
HETATM 146 C C14   . PXZ B 1 6  ? -7.941  -6.374  -3.381  1.00 2.96  ? 6  PXZ B C14   1 
HETATM 147 C C15   . PXZ B 1 6  ? -7.792  -2.707  0.059   1.00 4.00  ? 6  PXZ B C15   1 
HETATM 148 C C16   . PXZ B 1 6  ? -11.129 -4.488  -2.445  1.00 5.60  ? 6  PXZ B C16   1 
ATOM   149 N N     . THR B 1 7  ? -6.445  -7.674  -5.872  1.00 3.02  ? 7  THR B N     1 
ATOM   150 C CA    . THR B 1 7  ? -5.648  -8.596  -6.655  1.00 3.04  ? 7  THR B CA    1 
ATOM   151 C C     . THR B 1 7  ? -4.166  -8.252  -6.557  1.00 3.07  ? 7  THR B C     1 
ATOM   152 O O     . THR B 1 7  ? -3.772  -7.094  -6.300  1.00 3.40  ? 7  THR B O     1 
ATOM   153 C CB    . THR B 1 7  ? -6.062  -8.667  -8.120  1.00 3.00  ? 7  THR B CB    1 
ATOM   154 O OG1   . THR B 1 7  ? -5.583  -7.446  -8.752  1.00 2.85  ? 7  THR B OG1   1 
ATOM   155 C CG2   . THR B 1 7  ? -7.558  -8.796  -8.364  1.00 3.77  ? 7  THR B CG2   1 
HETATM 156 N N     . DVA B 1 8  ? -3.334  -9.259  -6.871  1.00 2.95  ? 8  DVA B N     1 
HETATM 157 C CA    . DVA B 1 8  ? -1.902  -9.062  -7.042  1.00 3.08  ? 8  DVA B CA    1 
HETATM 158 C CB    . DVA B 1 8  ? -1.266  -10.411 -7.489  1.00 4.54  ? 8  DVA B CB    1 
HETATM 159 C CG1   . DVA B 1 8  ? -1.859  -10.815 -8.825  1.00 6.75  ? 8  DVA B CG1   1 
HETATM 160 C CG2   . DVA B 1 8  ? 0.241   -10.322 -7.550  1.00 6.95  ? 8  DVA B CG2   1 
HETATM 161 C C     . DVA B 1 8  ? -1.257  -8.610  -5.744  1.00 2.68  ? 8  DVA B C     1 
HETATM 162 O O     . DVA B 1 8  ? -1.305  -9.330  -4.720  1.00 3.41  ? 8  DVA B O     1 
ATOM   163 N N     . PRO B 1 9  ? -0.575  -7.460  -5.721  1.00 2.98  ? 9  PRO B N     1 
ATOM   164 C CA    . PRO B 1 9  ? -0.757  -6.367  -6.691  1.00 2.87  ? 9  PRO B CA    1 
ATOM   165 C C     . PRO B 1 9  ? 0.064   -6.566  -7.968  1.00 2.80  ? 9  PRO B C     1 
ATOM   166 O O     . PRO B 1 9  ? 1.097   -7.228  -7.943  1.00 4.24  ? 9  PRO B O     1 
ATOM   167 C CB    . PRO B 1 9  ? -0.252  -5.115  -5.934  1.00 3.67  ? 9  PRO B CB    1 
ATOM   168 C CG    . PRO B 1 9  ? 0.761   -5.671  -4.970  1.00 4.74  ? 9  PRO B CG    1 
ATOM   169 C CD    . PRO B 1 9  ? 0.111   -6.986  -4.510  1.00 3.88  ? 9  PRO B CD    1 
HETATM 170 N N     . SAR B 1 10 ? -0.362  -5.938  -9.072  1.00 3.57  ? 10 SAR B N     1 
HETATM 171 C CA    . SAR B 1 10 ? -1.621  -5.210  -9.159  1.00 3.57  ? 10 SAR B CA    1 
HETATM 172 C C     . SAR B 1 10 ? -2.777  -6.082  -9.662  1.00 3.09  ? 10 SAR B C     1 
HETATM 173 O O     . SAR B 1 10 ? -2.606  -7.267  -9.941  1.00 3.79  ? 10 SAR B O     1 
HETATM 174 C CN    . SAR B 1 10 ? 0.350   -6.179  -10.328 1.00 5.99  ? 10 SAR B CN    1 
HETATM 175 N N     . MVA B 1 11 ? -3.954  -5.462  -9.832  1.00 3.36  ? 11 MVA B N     1 
HETATM 176 C CN    . MVA B 1 11 ? -4.235  -4.133  -9.234  1.00 5.14  ? 11 MVA B CN    1 
HETATM 177 C CA    . MVA B 1 11 ? -5.010  -6.116  -10.617 1.00 3.89  ? 11 MVA B CA    1 
HETATM 178 C CB    . MVA B 1 11 ? -4.845  -5.941  -12.105 1.00 6.54  ? 11 MVA B CB    1 
HETATM 179 C CG1   A MVA B 1 11 ? -4.771  -4.413  -12.507 0.65 4.62  ? 11 MVA B CG1   1 
HETATM 180 C CG1   B MVA B 1 11 ? -5.470  -6.948  -13.090 0.35 4.17  ? 11 MVA B CG1   1 
HETATM 181 C CG2   A MVA B 1 11 ? -3.823  -6.676  -12.701 0.65 5.63  ? 11 MVA B CG2   1 
HETATM 182 C CG2   B MVA B 1 11 ? -3.916  -5.045  -12.625 0.35 6.14  ? 11 MVA B CG2   1 
HETATM 183 C C     . MVA B 1 11 ? -5.370  -7.494  -10.080 1.00 3.36  ? 11 MVA B C     1 
HETATM 184 O O     . MVA B 1 11 ? -5.576  -8.458  -10.767 1.00 5.18  ? 11 MVA B O     1 
ATOM   185 N N     . THR C 1 1  ? 3.807   8.915   8.118   1.00 3.16  ? 1  THR C N     1 
ATOM   186 C CA    . THR C 1 1  ? 4.992   8.262   7.580   1.00 3.19  ? 1  THR C CA    1 
ATOM   187 C C     . THR C 1 1  ? 4.795   7.910   6.113   1.00 2.98  ? 1  THR C C     1 
ATOM   188 O O     . THR C 1 1  ? 3.685   7.688   5.640   1.00 3.62  ? 1  THR C O     1 
ATOM   189 C CB    . THR C 1 1  ? 5.386   6.970   8.327   1.00 3.66  ? 1  THR C CB    1 
ATOM   190 O OG1   . THR C 1 1  ? 4.352   5.985   7.986   1.00 3.73  ? 1  THR C OG1   1 
ATOM   191 C CG2   . THR C 1 1  ? 5.489   7.113   9.829   1.00 5.19  ? 1  THR C CG2   1 
HETATM 192 N N     . DVA C 1 2  ? 5.946   7.783   5.435   1.00 3.25  ? 2  DVA C N     1 
HETATM 193 C CA    . DVA C 1 2  ? 6.045   7.071   4.158   1.00 3.22  ? 2  DVA C CA    1 
HETATM 194 C CB    . DVA C 1 2  ? 7.486   6.545   4.005   1.00 4.02  ? 2  DVA C CB    1 
HETATM 195 C CG1   . DVA C 1 2  ? 7.854   5.662   5.215   1.00 5.76  ? 2  DVA C CG1   1 
HETATM 196 C CG2   . DVA C 1 2  ? 7.648   5.784   2.703   1.00 5.15  ? 2  DVA C CG2   1 
HETATM 197 C C     . DVA C 1 2  ? 5.703   7.998   2.997   1.00 3.70  ? 2  DVA C C     1 
HETATM 198 O O     . DVA C 1 2  ? 6.428   8.987   2.757   1.00 4.60  ? 2  DVA C O     1 
HETATM 199 N N     . DPL C 1 3  ? 4.664   7.717   2.194   1.00 4.16  ? 3  DPL C N     1 
HETATM 200 C CA    . DPL C 1 3  ? 3.582   6.753   2.457   1.00 4.13  ? 3  DPL C CA    1 
HETATM 201 C C     . DPL C 1 3  ? 4.032   5.316   2.166   1.00 3.98  ? 3  DPL C C     1 
HETATM 202 O O     . DPL C 1 3  ? 4.861   5.107   1.278   1.00 4.58  ? 3  DPL C O     1 
HETATM 203 C CB    . DPL C 1 3  ? 2.509   7.154   1.409   1.00 5.43  ? 3  DPL C CB    1 
HETATM 204 C CG    . DPL C 1 3  ? 3.235   7.937   0.377   1.00 7.32  ? 3  DPL C CG    1 
HETATM 205 C CD    . DPL C 1 3  ? 4.470   8.480   0.970   1.00 5.44  ? 3  DPL C CD    1 
HETATM 206 O OG1   . DPL C 1 3  ? 2.920   8.206   -0.759  1.00 12.71 ? 3  DPL C OG1   1 
HETATM 207 N N     . SAR C 1 4  ? 3.459   4.306   2.869   1.00 4.70  ? 4  SAR C N     1 
HETATM 208 C CA    . SAR C 1 4  ? 2.636   4.487   4.063   1.00 5.02  ? 4  SAR C CA    1 
HETATM 209 C C     . SAR C 1 4  ? 3.464   4.281   5.326   1.00 3.93  ? 4  SAR C C     1 
HETATM 210 O O     . SAR C 1 4  ? 4.688   4.124   5.263   1.00 4.05  ? 4  SAR C O     1 
HETATM 211 C CN    . SAR C 1 4  ? 3.835   2.923   2.536   1.00 5.57  ? 4  SAR C CN    1 
HETATM 212 N N     . MVA C 1 5  ? 2.808   4.229   6.517   1.00 4.50  ? 5  MVA C N     1 
HETATM 213 C CN    . MVA C 1 5  ? 1.453   4.731   6.696   1.00 9.38  ? 5  MVA C CN    1 
HETATM 214 C CA    . MVA C 1 5  ? 3.551   3.779   7.684   1.00 4.45  ? 5  MVA C CA    1 
HETATM 215 C CB    . MVA C 1 5  ? 3.973   2.284   7.615   1.00 5.58  ? 5  MVA C CB    1 
HETATM 216 C CG1   . MVA C 1 5  ? 4.454   1.791   8.960   1.00 7.19  ? 5  MVA C CG1   1 
HETATM 217 C CG2   . MVA C 1 5  ? 2.803   1.430   7.137   1.00 7.97  ? 5  MVA C CG2   1 
HETATM 218 C C     . MVA C 1 5  ? 4.746   4.704   7.987   1.00 4.17  ? 5  MVA C C     1 
HETATM 219 O O     . MVA C 1 5  ? 5.852   4.344   8.256   1.00 5.17  ? 5  MVA C O     1 
HETATM 220 C C1    . PXZ C 1 6  ? 2.652   10.365  9.697   1.00 3.38  ? 6  PXZ C C1    1 
HETATM 221 C C0    . PXZ C 1 6  ? 3.920   9.830   9.108   1.00 3.29  ? 6  PXZ C C0    1 
HETATM 222 O O1    . PXZ C 1 6  ? 5.014   10.134  9.584   1.00 4.56  ? 6  PXZ C O1    1 
HETATM 223 C C2    . PXZ C 1 6  ? 2.683   10.846  10.999  1.00 3.91  ? 6  PXZ C C2    1 
HETATM 224 N N2    . PXZ C 1 6  ? 3.762   10.989  11.751  1.00 5.38  ? 6  PXZ C N2    1 
HETATM 225 C C3    . PXZ C 1 6  ? 1.425   11.274  11.686  1.00 4.77  ? 6  PXZ C C3    1 
HETATM 226 O O3    . PXZ C 1 6  ? 1.492   11.760  12.819  1.00 7.07  ? 6  PXZ C O3    1 
HETATM 227 C C4    . PXZ C 1 6  ? 0.174   11.174  10.996  1.00 4.27  ? 6  PXZ C C4    1 
HETATM 228 O O5    . PXZ C 1 6  ? -1.013  10.598  9.072   1.00 4.74  ? 6  PXZ C O5    1 
HETATM 229 C C6    . PXZ C 1 6  ? -2.307  10.262  7.122   1.00 5.46  ? 6  PXZ C C6    1 
HETATM 230 C C7    . PXZ C 1 6  ? -2.328  10.011  5.747   1.00 5.95  ? 6  PXZ C C7    1 
HETATM 231 C C8    . PXZ C 1 6  ? -1.142  9.857   5.004   1.00 5.30  ? 6  PXZ C C8    1 
HETATM 232 C C9    . PXZ C 1 6  ? 0.107   9.917   5.633   1.00 4.20  ? 6  PXZ C C9    1 
HETATM 233 C "C0'" . PXZ C 1 6  ? 1.323   9.853   4.765   1.00 3.99  ? 6  PXZ C "C0'" 1 
HETATM 234 O "O1'" . PXZ C 1 6  ? 1.357   9.153   3.747   1.00 5.03  ? 6  PXZ C "O1'" 1 
HETATM 235 N N10   . PXZ C 1 6  ? 1.354   10.094  7.694   1.00 3.71  ? 6  PXZ C N10   1 
HETATM 236 C C11   . PXZ C 1 6  ? 1.398   10.374  8.987   1.00 3.46  ? 6  PXZ C C11   1 
HETATM 237 C C12   . PXZ C 1 6  ? 0.171   10.727  9.714   1.00 3.92  ? 6  PXZ C C12   1 
HETATM 238 C C13   . PXZ C 1 6  ? -1.052  10.317  7.710   1.00 4.33  ? 6  PXZ C C13   1 
HETATM 239 C C14   . PXZ C 1 6  ? 0.147   10.127  7.024   1.00 3.78  ? 6  PXZ C C14   1 
HETATM 240 C C15   . PXZ C 1 6  ? -1.111  11.608  11.694  1.00 5.99  ? 6  PXZ C C15   1 
HETATM 241 C C16   . PXZ C 1 6  ? -3.575  10.446  7.928   1.00 7.19  ? 6  PXZ C C16   1 
ATOM   242 N N     . THR C 1 7  ? 2.323   10.684  5.099   1.00 3.38  ? 7  THR C N     1 
ATOM   243 C CA    . THR C 1 7  ? 3.536   10.846  4.326   1.00 3.26  ? 7  THR C CA    1 
ATOM   244 C C     . THR C 1 7  ? 4.681   11.223  5.269   1.00 2.82  ? 7  THR C C     1 
ATOM   245 O O     . THR C 1 7  ? 4.468   11.780  6.348   1.00 3.47  ? 7  THR C O     1 
ATOM   246 C CB    . THR C 1 7  ? 3.394   11.992  3.289   1.00 3.85  ? 7  THR C CB    1 
ATOM   247 O OG1   . THR C 1 7  ? 3.155   13.179  4.095   1.00 3.54  ? 7  THR C OG1   1 
ATOM   248 C CG2   . THR C 1 7  ? 2.251   11.817  2.294   1.00 5.60  ? 7  THR C CG2   1 
HETATM 249 N N     . DVA C 1 8  ? 5.921   10.975  4.774   1.00 3.12  ? 8  DVA C N     1 
HETATM 250 C CA    . DVA C 1 8  ? 7.127   11.583  5.296   1.00 3.16  ? 8  DVA C CA    1 
HETATM 251 C CB    . DVA C 1 8  ? 8.175   11.623  4.152   1.00 3.84  ? 8  DVA C CB    1 
HETATM 252 C CG1   . DVA C 1 8  ? 9.456   12.360  4.601   1.00 5.20  ? 8  DVA C CG1   1 
HETATM 253 C CG2   . DVA C 1 8  ? 7.597   12.275  2.909   1.00 4.69  ? 8  DVA C CG2   1 
HETATM 254 C C     . DVA C 1 8  ? 7.683   10.789  6.487   1.00 3.43  ? 8  DVA C C     1 
HETATM 255 O O     . DVA C 1 8  ? 8.108   9.632   6.308   1.00 4.11  ? 8  DVA C O     1 
ATOM   256 N N     . PRO C 1 9  ? 7.726   11.367  7.686   1.00 4.09  ? 9  PRO C N     1 
ATOM   257 C CA    . PRO C 1 9  ? 7.043   12.622  8.087   1.00 4.43  ? 9  PRO C CA    1 
ATOM   258 C C     . PRO C 1 9  ? 7.808   13.837  7.560   1.00 3.94  ? 9  PRO C C     1 
ATOM   259 O O     . PRO C 1 9  ? 9.031   13.807  7.438   1.00 4.93  ? 9  PRO C O     1 
ATOM   260 C CB    . PRO C 1 9  ? 7.130   12.586  9.618   1.00 5.52  ? 9  PRO C CB    1 
ATOM   261 C CG    . PRO C 1 9  ? 8.368   11.750  9.928   1.00 6.57  ? 9  PRO C CG    1 
ATOM   262 C CD    . PRO C 1 9  ? 8.357   10.696  8.843   1.00 5.17  ? 9  PRO C CD    1 
HETATM 263 N N     . SAR C 1 10 ? 7.092   14.945  7.288   1.00 4.47  ? 10 SAR C N     1 
HETATM 264 C CA    . SAR C 1 10 ? 5.647   15.042  7.365   1.00 4.54  ? 10 SAR C CA    1 
HETATM 265 C C     . SAR C 1 10 ? 5.009   14.997  5.973   1.00 3.97  ? 10 SAR C C     1 
HETATM 266 O O     . SAR C 1 10 ? 5.707   14.825  4.963   1.00 3.73  ? 10 SAR C O     1 
HETATM 267 C CN    . SAR C 1 10 ? 7.787   16.124  6.736   1.00 5.47  ? 10 SAR C CN    1 
HETATM 268 N N     . MVA C 1 11 ? 3.690   15.222  5.873   1.00 4.40  ? 11 MVA C N     1 
HETATM 269 C CN    . MVA C 1 11 ? 2.800   15.131  7.066   1.00 6.96  ? 11 MVA C CN    1 
HETATM 270 C CA    . MVA C 1 11 ? 3.122   15.492  4.540   1.00 4.29  ? 11 MVA C CA    1 
HETATM 271 C CB    . MVA C 1 11 ? 3.431   16.911  4.101   1.00 5.78  ? 11 MVA C CB    1 
HETATM 272 C CG1   . MVA C 1 11 ? 2.747   17.230  2.726   1.00 7.83  ? 11 MVA C CG1   1 
HETATM 273 C CG2   . MVA C 1 11 ? 3.036   17.925  5.148   1.00 9.76  ? 11 MVA C CG2   1 
HETATM 274 C C     . MVA C 1 11 ? 3.501   14.371  3.556   1.00 3.97  ? 11 MVA C C     1 
HETATM 275 O O     . MVA C 1 11 ? 3.972   14.515  2.465   1.00 5.11  ? 11 MVA C O     1 
HETATM 276 C C1    . EEE D 2 .  ? -7.545  3.617   4.200   1.00 6.06  ? 34 EEE A C1    1 
HETATM 277 C C2    . EEE D 2 .  ? -6.177  3.306   4.377   1.00 7.59  ? 34 EEE A C2    1 
HETATM 278 O O1    . EEE D 2 .  ? -8.176  3.508   3.095   1.00 9.83  ? 34 EEE A O1    1 
HETATM 279 O O2    . EEE D 2 .  ? -8.141  4.115   5.260   1.00 7.33  ? 34 EEE A O2    1 
HETATM 280 C C3    . EEE D 2 .  ? -9.528  4.538   5.203   1.00 6.40  ? 34 EEE A C3    1 
HETATM 281 C C4    . EEE D 2 .  ? -10.133 4.324   6.548   1.00 7.45  ? 34 EEE A C4    1 
HETATM 282 C C1    . EEE E 2 .  ? -9.664  8.253   2.222   1.00 9.87  ? 35 EEE A C1    1 
HETATM 283 C C2    . EEE E 2 .  ? -9.247  9.532   1.831   1.00 11.81 ? 35 EEE A C2    1 
HETATM 284 O O1    . EEE E 2 .  ? -9.531  7.633   3.366   1.00 13.37 ? 35 EEE A O1    1 
HETATM 285 O O2    . EEE E 2 .  ? -10.442 7.595   1.353   1.00 13.42 ? 35 EEE A O2    1 
HETATM 286 C C3    . EEE E 2 .  ? -10.912 6.295   1.779   1.00 17.67 ? 35 EEE A C3    1 
HETATM 287 C C4    . EEE E 2 .  ? -10.933 5.355   0.702   1.00 20.21 ? 35 EEE A C4    1 
HETATM 288 C C1    A EEE F 2 .  ? -2.405  4.969   6.584   0.50 13.71 ? 37 EEE A C1    1 
HETATM 289 C C2    A EEE F 2 .  ? -2.122  6.324   6.517   0.50 15.62 ? 37 EEE A C2    1 
HETATM 290 O O1    A EEE F 2 .  ? -2.871  4.191   5.626   0.50 23.39 ? 37 EEE A O1    1 
HETATM 291 O O2    A EEE F 2 .  ? -1.959  4.302   7.639   0.50 11.42 ? 37 EEE A O2    1 
HETATM 292 C C3    A EEE F 2 .  ? -2.450  2.935   7.774   0.50 15.21 ? 37 EEE A C3    1 
HETATM 293 C C4    A EEE F 2 .  ? -2.382  2.530   9.183   0.50 16.74 ? 37 EEE A C4    1 
HETATM 294 C C1    B EEE G 2 .  ? -2.460  2.759   8.907   0.50 13.36 ? 38 EEE A C1    1 
HETATM 295 C C2    B EEE G 2 .  ? -2.673  3.885   9.678   0.50 14.93 ? 38 EEE A C2    1 
HETATM 296 O O1    B EEE G 2 .  ? -2.861  1.533   9.207   0.50 17.49 ? 38 EEE A O1    1 
HETATM 297 O O2    B EEE G 2 .  ? -1.732  2.852   7.811   0.50 11.20 ? 38 EEE A O2    1 
HETATM 298 C C3    B EEE G 2 .  ? -1.610  1.719   6.927   0.50 12.48 ? 38 EEE A C3    1 
HETATM 299 C C4    B EEE G 2 .  ? -0.806  2.096   5.731   0.50 12.97 ? 38 EEE A C4    1 
HETATM 300 C C1    B EEE H 2 .  ? -3.773  9.726   1.767   0.80 23.64 ? 40 EEE A C1    1 
HETATM 301 C C2    B EEE H 2 .  ? -5.107  9.887   1.689   0.80 17.28 ? 40 EEE A C2    1 
HETATM 302 O O1    B EEE H 2 .  ? -3.209  9.577   2.953   0.80 29.70 ? 40 EEE A O1    1 
HETATM 303 O O2    B EEE H 2 .  ? -2.928  9.836   0.765   0.80 23.28 ? 40 EEE A O2    1 
HETATM 304 C C3    B EEE H 2 .  ? -1.551  9.457   1.032   0.80 21.37 ? 40 EEE A C3    1 
HETATM 305 C C4    B EEE H 2 .  ? -0.774  9.434   -0.210  0.80 20.74 ? 40 EEE A C4    1 
HETATM 306 C C     B MOH I 3 .  ? 6.257   13.875  -3.389  0.80 16.27 ? 42 MOH A C     1 
HETATM 307 O O     B MOH I 3 .  ? 6.032   14.874  -2.451  0.80 11.22 ? 42 MOH A O     1 
HETATM 308 C C1    . EEE J 2 .  ? 1.520   5.663   10.590  1.00 13.59 ? 36 EEE C C1    1 
HETATM 309 C C2    . EEE J 2 .  ? 0.959   6.826   10.081  1.00 15.79 ? 36 EEE C C2    1 
HETATM 310 O O1    . EEE J 2 .  ? 1.380   4.419   10.187  1.00 14.72 ? 36 EEE C O1    1 
HETATM 311 O O2    . EEE J 2 .  ? 2.379   5.786   11.602  1.00 15.38 ? 36 EEE C O2    1 
HETATM 312 C C3    . EEE J 2 .  ? 3.014   4.497   11.928  1.00 16.03 ? 36 EEE C C3    1 
HETATM 313 C C4    . EEE J 2 .  ? 3.483   4.578   13.255  1.00 20.46 ? 36 EEE C C4    1 
HETATM 314 C C     B MOH K 3 .  ? -1.238  6.452   4.321   0.50 8.99  ? 39 MOH C C     1 
HETATM 315 O O     B MOH K 3 .  ? 0.055   6.531   3.819   0.50 4.20  ? 39 MOH C O     1 
HETATM 316 C C1    A EEE L 2 .  ? 1.924   11.016  -1.528  0.20 10.56 ? 41 EEE C C1    1 
HETATM 317 C C2    A EEE L 2 .  ? 1.027   11.134  -0.464  0.20 11.62 ? 41 EEE C C2    1 
HETATM 318 O O1    A EEE L 2 .  ? 1.791   10.079  -2.458  0.20 12.23 ? 41 EEE C O1    1 
HETATM 319 O O2    A EEE L 2 .  ? 2.927   11.839  -1.589  0.20 10.32 ? 41 EEE C O2    1 
HETATM 320 C C3    A EEE L 2 .  ? 3.998   11.817  -2.567  0.20 9.40  ? 41 EEE C C3    1 
HETATM 321 C C4    A EEE L 2 .  ? 4.790   13.040  -2.339  0.20 9.63  ? 41 EEE C C4    1 
HETATM 322 C C     B MOH M 3 .  ? 12.264  12.769  11.004  0.80 24.53 ? 43 MOH C C     1 
HETATM 323 O O     B MOH M 3 .  ? 13.224  13.373  10.244  0.80 20.00 ? 43 MOH C O     1 
HETATM 324 C C     B MOH N 3 .  ? 4.328   11.501  -0.602  0.80 26.01 ? 44 MOH C C     1 
HETATM 325 O O     B MOH N 3 .  ? 5.714   11.709  -0.424  0.80 25.35 ? 44 MOH C O     1 
HETATM 326 C C     . MOH O 3 .  ? 12.154  14.222  6.864   1.00 16.57 ? 45 MOH C C     1 
HETATM 327 O O     . MOH O 3 .  ? 11.615  13.324  7.812   1.00 10.13 ? 45 MOH C O     1 
# 
loop_
_atom_site_anisotrop.id 
_atom_site_anisotrop.type_symbol 
_atom_site_anisotrop.pdbx_label_atom_id 
_atom_site_anisotrop.pdbx_label_alt_id 
_atom_site_anisotrop.pdbx_label_comp_id 
_atom_site_anisotrop.pdbx_label_asym_id 
_atom_site_anisotrop.pdbx_label_seq_id 
_atom_site_anisotrop.pdbx_PDB_ins_code 
_atom_site_anisotrop.U[1][1] 
_atom_site_anisotrop.U[2][2] 
_atom_site_anisotrop.U[3][3] 
_atom_site_anisotrop.U[1][2] 
_atom_site_anisotrop.U[1][3] 
_atom_site_anisotrop.U[2][3] 
_atom_site_anisotrop.pdbx_auth_seq_id 
_atom_site_anisotrop.pdbx_auth_comp_id 
_atom_site_anisotrop.pdbx_auth_asym_id 
_atom_site_anisotrop.pdbx_auth_atom_id 
1   N N     . THR A 1  ? 0.0269 0.0324 0.0447 0.0016  0.0021  -0.0009 1  THR A N     
2   C CA    . THR A 1  ? 0.0326 0.0347 0.0314 0.0021  -0.0005 -0.0061 1  THR A CA    
3   C C     . THR A 1  ? 0.0340 0.0332 0.0339 0.0014  0.0033  -0.0058 1  THR A C     
4   O O     . THR A 1  ? 0.0395 0.0380 0.0552 0.0084  -0.0044 -0.0092 1  THR A O     
5   C CB    . THR A 1  ? 0.0307 0.0286 0.0417 0.0021  0.0012  0.0002  1  THR A CB    
6   O OG1   . THR A 1  ? 0.0383 0.0321 0.0430 0.0059  0.0056  0.0069  1  THR A OG1   
7   C CG2   . THR A 1  ? 0.0494 0.0344 0.0409 0.0011  0.0088  -0.0039 1  THR A CG2   
8   N N     . DVA A 2  ? 0.0336 0.0347 0.0433 0.0024  -0.0053 -0.0065 2  DVA A N     
9   C CA    . DVA A 2  ? 0.0474 0.0333 0.0504 -0.0015 -0.0080 -0.0062 2  DVA A CA    
10  C CB    . DVA A 2  ? 0.0518 0.0441 0.0669 -0.0084 -0.0150 -0.0016 2  DVA A CB    
11  C CG1   . DVA A 2  ? 0.0401 0.0640 0.0736 -0.0061 -0.0021 0.0034  2  DVA A CG1   
12  C CG2   . DVA A 2  ? 0.0690 0.0604 0.0968 -0.0245 -0.0235 -0.0111 2  DVA A CG2   
13  C C     . DVA A 2  ? 0.0656 0.0438 0.0511 0.0040  -0.0167 -0.0154 2  DVA A C     
14  O O     . DVA A 2  ? 0.0783 0.0512 0.0461 0.0022  -0.0189 -0.0114 2  DVA A O     
15  N N     . DPL A 3  ? 0.0815 0.0549 0.0499 0.0151  -0.0108 -0.0178 3  DPL A N     
16  C CA    . DPL A 3  ? 0.0744 0.0466 0.0569 0.0173  -0.0160 -0.0189 3  DPL A CA    
17  C C     . DPL A 3  ? 0.0920 0.0436 0.0666 0.0148  -0.0135 -0.0136 3  DPL A C     
18  O O     . DPL A 3  ? 0.1330 0.0555 0.0958 -0.0079 -0.0190 -0.0282 3  DPL A O     
19  C CB    . DPL A 3  ? 0.1010 0.0556 0.0705 0.0376  -0.0008 -0.0095 3  DPL A CB    
20  C CG    . DPL A 3  ? 0.2203 0.1596 0.0658 0.1233  -0.0044 -0.0349 3  DPL A CG    
21  C CD    . DPL A 3  ? 0.1460 0.0802 0.0588 0.0437  -0.0234 -0.0418 3  DPL A CD    
22  O OG1   . DPL A 3  ? 0.4583 0.4493 0.1106 0.3779  -0.0504 -0.1192 3  DPL A OG1   
23  N N     . SAR A 4  ? 0.0677 0.0493 0.0766 0.0127  -0.0050 -0.0112 4  SAR A N     
24  C CA    . SAR A 4  ? 0.0535 0.0605 0.0588 0.0187  -0.0020 0.0001  4  SAR A CA    
25  C C     . SAR A 4  ? 0.0513 0.0370 0.0568 0.0081  0.0007  0.0061  4  SAR A C     
26  O O     . SAR A 4  ? 0.0491 0.0501 0.0588 0.0089  0.0014  -0.0022 4  SAR A O     
27  C CN    . SAR A 4  ? 0.0910 0.0638 0.1001 -0.0024 0.0021  0.0079  4  SAR A CN    
28  N N     . MVA A 5  ? 0.0472 0.0400 0.0577 0.0097  -0.0006 0.0028  5  MVA A N     
29  C CN    . MVA A 5  ? 0.0513 0.0662 0.0810 0.0030  -0.0070 0.0005  5  MVA A CN    
30  C CA    . MVA A 5  ? 0.0564 0.0342 0.0520 0.0005  0.0043  0.0054  5  MVA A CA    
31  C CB    . MVA A 5  ? 0.0675 0.0458 0.0529 -0.0001 0.0107  0.0091  5  MVA A CB    
32  C CG1   . MVA A 5  ? 0.0890 0.0451 0.0715 0.0017  0.0060  0.0185  5  MVA A CG1   
33  C CG2   . MVA A 5  ? 0.1278 0.0606 0.0585 0.0055  0.0347  0.0027  5  MVA A CG2   
34  C C     . MVA A 5  ? 0.0425 0.0320 0.0523 0.0002  0.0105  -0.0010 5  MVA A C     
35  O O     . MVA A 5  ? 0.0462 0.0526 0.0760 0.0096  0.0203  0.0172  5  MVA A O     
36  C C1    . PXZ A 6  ? 0.0342 0.0359 0.0354 -0.0012 -0.0029 0.0037  6  PXZ A C1    
37  C C0    . PXZ A 6  ? 0.0324 0.0368 0.0302 -0.0023 0.0022  0.0059  6  PXZ A C0    
38  O O1    . PXZ A 6  ? 0.0314 0.0325 0.0477 0.0007  -0.0033 0.0030  6  PXZ A O1    
39  C C2    . PXZ A 6  ? 0.0341 0.0422 0.0330 -0.0028 -0.0042 0.0057  6  PXZ A C2    
40  N N2    . PXZ A 6  ? 0.0346 0.0418 0.0459 -0.0026 -0.0065 -0.0072 6  PXZ A N2    
41  C C3    . PXZ A 6  ? 0.0374 0.0480 0.0326 -0.0066 -0.0094 0.0067  6  PXZ A C3    
42  O O3    . PXZ A 6  ? 0.0478 0.0510 0.0487 -0.0064 -0.0127 0.0010  6  PXZ A O3    
43  C C4    . PXZ A 6  ? 0.0365 0.0528 0.0389 -0.0040 -0.0060 0.0099  6  PXZ A C4    
44  O O5    . PXZ A 6  ? 0.0313 0.0633 0.0400 0.0095  -0.0024 0.0040  6  PXZ A O5    
45  C C6    . PXZ A 6  ? 0.0393 0.0662 0.0430 0.0130  0.0113  0.0159  6  PXZ A C6    
46  C C7    . PXZ A 6  ? 0.0421 0.0753 0.0450 0.0278  0.0120  0.0160  6  PXZ A C7    
47  C C8    . PXZ A 6  ? 0.0458 0.0649 0.0396 0.0158  0.0069  0.0026  6  PXZ A C8    
48  C C9    . PXZ A 6  ? 0.0385 0.0545 0.0302 0.0147  0.0062  0.0129  6  PXZ A C9    
49  C "C0'" . PXZ A 6  ? 0.0438 0.0483 0.0328 0.0152  0.0029  0.0003  6  PXZ A "C0'" 
50  O "O1'" . PXZ A 6  ? 0.0539 0.0564 0.0624 0.0149  -0.0065 -0.0067 6  PXZ A "O1'" 
51  N N10   . PXZ A 6  ? 0.0288 0.0447 0.0385 0.0075  0.0018  0.0074  6  PXZ A N10   
52  C C11   . PXZ A 6  ? 0.0339 0.0414 0.0297 -0.0027 -0.0012 0.0074  6  PXZ A C11   
53  C C12   . PXZ A 6  ? 0.0298 0.0502 0.0423 0.0030  -0.0014 0.0152  6  PXZ A C12   
54  C C13   . PXZ A 6  ? 0.0311 0.0584 0.0384 0.0078  0.0024  0.0150  6  PXZ A C13   
55  C C14   . PXZ A 6  ? 0.0322 0.0466 0.0340 0.0045  0.0008  0.0097  6  PXZ A C14   
56  C C15   . PXZ A 6  ? 0.0388 0.0756 0.0548 0.0017  -0.0167 0.0102  6  PXZ A C15   
57  C C16   . PXZ A 6  ? 0.0412 0.0958 0.0609 0.0287  0.0035  0.0095  6  PXZ A C16   
58  N N     . THR A 7  ? 0.0369 0.0499 0.0358 0.0109  0.0005  -0.0003 7  THR A N     
59  C CA    . THR A 7  ? 0.0400 0.0586 0.0335 0.0154  -0.0035 -0.0117 7  THR A CA    
60  C C     . THR A 7  ? 0.0348 0.0486 0.0303 0.0054  -0.0023 -0.0017 7  THR A C     
61  O O     . THR A 7  ? 0.0372 0.0522 0.0474 0.0053  -0.0064 -0.0035 7  THR A O     
62  C CB    . THR A 7  ? 0.0530 0.1051 0.0416 0.0422  -0.0091 -0.0206 7  THR A CB    
63  O OG1   . THR A 7  ? 0.0475 0.1282 0.0309 0.0406  0.0009  0.0080  7  THR A OG1   
64  C CG2   . THR A 7  ? 0.0763 0.1296 0.0556 0.0562  -0.0003 -0.0317 7  THR A CG2   
65  N N     . DVA A 8  ? 0.0335 0.0430 0.0437 0.0085  -0.0033 -0.0061 8  DVA A N     
66  C CA    . DVA A 8  ? 0.0328 0.0405 0.0385 0.0076  -0.0039 -0.0053 8  DVA A CA    
67  C CB    . DVA A 8  ? 0.0360 0.0522 0.0678 0.0068  -0.0150 -0.0124 8  DVA A CB    
68  C CG1   . DVA A 8  ? 0.0429 0.0693 0.0913 0.0148  -0.0311 -0.0181 8  DVA A CG1   
69  C CG2   . DVA A 8  ? 0.0690 0.0853 0.0606 0.0153  -0.0253 -0.0274 8  DVA A CG2   
70  C C     . DVA A 8  ? 0.0289 0.0406 0.0426 0.0109  -0.0013 0.0035  8  DVA A C     
71  O O     . DVA A 8  ? 0.0485 0.0507 0.0545 0.0153  0.0143  0.0071  8  DVA A O     
72  N N     . PRO A 9  ? 0.0454 0.0448 0.0338 0.0127  -0.0011 -0.0062 9  PRO A N     
73  C CA    . PRO A 9  ? 0.0359 0.0465 0.0493 0.0038  -0.0179 -0.0038 9  PRO A CA    
74  C C     . PRO A 9  ? 0.0411 0.0403 0.0564 0.0013  -0.0105 0.0053  9  PRO A C     
75  O O     . PRO A 9  ? 0.0340 0.0597 0.0595 0.0075  -0.0135 0.0076  9  PRO A O     
76  C CB    . PRO A 9  ? 0.0672 0.0553 0.0895 0.0141  -0.0493 -0.0275 9  PRO A CB    
77  C CG    . PRO A 9  ? 0.0958 0.0633 0.0570 0.0352  -0.0342 -0.0184 9  PRO A CG    
78  C CD    . PRO A 9  ? 0.0859 0.0694 0.0298 0.0324  -0.0055 -0.0081 9  PRO A CD    
79  N N     . SAR A 10 ? 0.0407 0.0645 0.0663 0.0030  -0.0073 0.0181  10 SAR A N     
80  C CA    . SAR A 10 ? 0.0413 0.0859 0.0790 0.0057  0.0022  0.0308  10 SAR A CA    
81  C C     . SAR A 10 ? 0.0311 0.1102 0.0615 0.0164  0.0058  0.0420  10 SAR A C     
82  O O     . SAR A 10 ? 0.0421 0.0966 0.0645 0.0229  0.0077  0.0213  10 SAR A O     
83  C CN    . SAR A 10 ? 0.0598 0.0879 0.0694 0.0110  -0.0013 0.0279  10 SAR A CN    
84  N N     . MVA A 11 ? 0.0380 0.1430 0.0592 0.0326  0.0154  0.0518  11 MVA A N     
85  C CN    . MVA A 11 ? 0.0327 0.1716 0.0898 0.0174  0.0090  0.0632  11 MVA A CN    
86  C CA    . MVA A 11 ? 0.0508 0.1866 0.0492 0.0577  0.0144  0.0526  11 MVA A CA    
87  C CB    . MVA A 11 ? 0.0861 0.2293 0.0564 0.0761  0.0147  0.0578  11 MVA A CB    
88  C CG1   . MVA A 11 ? 0.3101 0.2227 0.0807 0.0954  0.0105  0.0980  11 MVA A CG1   
89  C CG2   . MVA A 11 ? 0.1175 0.2802 0.0376 0.0931  0.0071  0.0405  11 MVA A CG2   
90  C C     . MVA A 11 ? 0.0534 0.1643 0.0351 0.0651  -0.0037 0.0065  11 MVA A C     
91  O O     . MVA A 11 ? 0.0855 0.1884 0.0490 0.0784  -0.0150 -0.0178 11 MVA A O     
92  N N     . THR B 1  ? 0.0293 0.0388 0.0446 0.0014  0.0008  0.0079  1  THR B N     
93  C CA    . THR B 1  ? 0.0361 0.0376 0.0404 -0.0017 -0.0009 0.0022  1  THR B CA    
94  C C     . THR B 1  ? 0.0392 0.0362 0.0414 -0.0005 -0.0048 0.0095  1  THR B C     
95  O O     . THR B 1  ? 0.0382 0.0448 0.0514 -0.0047 -0.0012 -0.0046 1  THR B O     
96  C CB    . THR B 1  ? 0.0332 0.0356 0.0563 0.0022  -0.0081 0.0008  1  THR B CB    
97  O OG1   . THR B 1  ? 0.0469 0.0462 0.0508 -0.0014 -0.0077 0.0117  1  THR B OG1   
98  C CG2   . THR B 1  ? 0.0447 0.0441 0.0640 0.0042  -0.0154 0.0012  1  THR B CG2   
99  N N     . DVA B 2  ? 0.0469 0.0406 0.0372 -0.0071 0.0045  0.0009  2  DVA B N     
100 C CA    . DVA B 2  ? 0.0532 0.0342 0.0408 -0.0063 0.0031  0.0014  2  DVA B CA    
101 C CB    . DVA B 2  ? 0.0568 0.0462 0.0615 0.0008  0.0089  -0.0024 2  DVA B CB    
102 C CG1   . DVA B 2  ? 0.0767 0.0443 0.0874 0.0046  -0.0008 -0.0035 2  DVA B CG1   
103 C CG2   . DVA B 2  ? 0.0587 0.0637 0.0808 0.0116  -0.0052 -0.0069 2  DVA B CG2   
104 C C     . DVA B 2  ? 0.0601 0.0319 0.0294 -0.0055 -0.0013 0.0016  2  DVA B C     
105 O O     . DVA B 2  ? 0.0733 0.0410 0.0342 -0.0101 0.0056  -0.0004 2  DVA B O     
106 N N     . DPL B 3  ? 0.0610 0.0414 0.0316 -0.0078 -0.0058 0.0045  3  DPL B N     
107 C CA    . DPL B 3  ? 0.0504 0.0474 0.0360 -0.0108 -0.0018 0.0040  3  DPL B CA    
108 C C     . DPL B 3  ? 0.0529 0.0514 0.0371 -0.0128 -0.0034 0.0042  3  DPL B C     
109 O O     . DPL B 3  ? 0.0874 0.0484 0.0457 -0.0166 -0.0057 0.0066  3  DPL B O     
110 C CB    . DPL B 3  ? 0.0559 0.0518 0.0537 -0.0123 -0.0046 0.0050  3  DPL B CB    
111 C CG    . DPL B 3  ? 0.0686 0.0837 0.0621 -0.0063 -0.0268 0.0096  3  DPL B CG    
112 C CD    . DPL B 3  ? 0.0752 0.0550 0.0403 -0.0094 -0.0200 0.0015  3  DPL B CD    
113 O OG1   . DPL B 3  ? 0.0774 0.2025 0.0924 0.0069  -0.0377 0.0139  3  DPL B OG1   
114 N N     . SAR B 4  ? 0.0507 0.0620 0.0370 -0.0168 -0.0117 0.0094  4  SAR B N     
115 C CA    . SAR B 4  ? 0.0516 0.0795 0.0316 -0.0114 -0.0028 0.0064  4  SAR B CA    
116 C C     . SAR B 4  ? 0.0522 0.0532 0.0330 -0.0145 -0.0118 0.0143  4  SAR B C     
117 O O     . SAR B 4  ? 0.0525 0.0607 0.0491 -0.0113 -0.0115 0.0077  4  SAR B O     
118 C CN    . SAR B 4  ? 0.0730 0.0668 0.0535 -0.0251 -0.0166 0.0227  4  SAR B CN    
119 N N     . MVA B 5  ? 0.0650 0.0655 0.0324 -0.0124 -0.0131 0.0084  5  MVA B N     
120 C CN    . MVA B 5  ? 0.0987 0.1528 0.0635 0.0261  -0.0159 -0.0320 5  MVA B CN    
121 C CA    . MVA B 5  ? 0.0789 0.0633 0.0430 -0.0143 -0.0252 0.0140  5  MVA B CA    
122 C CB    . MVA B 5  ? 0.1256 0.0654 0.0883 -0.0172 -0.0580 0.0293  5  MVA B CB    
123 C CG1   . MVA B 5  ? 0.1612 0.1459 0.1857 -0.0857 -0.1141 0.1206  5  MVA B CG1   
124 C CG2   . MVA B 5  ? 0.1225 0.0765 0.0957 -0.0105 -0.0564 0.0319  5  MVA B CG2   
125 C C     . MVA B 5  ? 0.0569 0.0455 0.0619 -0.0014 -0.0302 0.0092  5  MVA B C     
126 O O     . MVA B 5  ? 0.0619 0.0505 0.0835 0.0063  -0.0271 0.0077  5  MVA B O     
127 C C1    . PXZ B 6  ? 0.0339 0.0434 0.0285 0.0045  -0.0015 0.0053  6  PXZ B C1    
128 C C0    . PXZ B 6  ? 0.0269 0.0370 0.0378 -0.0009 -0.0050 0.0057  6  PXZ B C0    
129 O O1    . PXZ B 6  ? 0.0343 0.0378 0.0489 0.0001  0.0012  0.0001  6  PXZ B O1    
130 C C2    . PXZ B 6  ? 0.0370 0.0449 0.0258 0.0051  -0.0039 0.0072  6  PXZ B C2    
131 N N2    . PXZ B 6  ? 0.0344 0.0427 0.0479 -0.0016 -0.0054 0.0003  6  PXZ B N2    
132 C C3    . PXZ B 6  ? 0.0446 0.0426 0.0292 0.0059  0.0004  0.0079  6  PXZ B C3    
133 O O3    . PXZ B 6  ? 0.0490 0.0520 0.0415 0.0057  0.0016  -0.0031 6  PXZ B O3    
134 C C4    . PXZ B 6  ? 0.0441 0.0501 0.0303 0.0102  -0.0004 0.0074  6  PXZ B C4    
135 O O5    . PXZ B 6  ? 0.0304 0.0669 0.0381 0.0114  -0.0007 0.0044  6  PXZ B O5    
136 C C6    . PXZ B 6  ? 0.0332 0.0656 0.0427 0.0097  -0.0012 0.0197  6  PXZ B C6    
137 C C7    . PXZ B 6  ? 0.0321 0.0789 0.0420 0.0036  -0.0082 0.0171  6  PXZ B C7    
138 C C8    . PXZ B 6  ? 0.0422 0.0631 0.0435 -0.0044 -0.0084 0.0131  6  PXZ B C8    
139 C C9    . PXZ B 6  ? 0.0335 0.0510 0.0391 -0.0048 -0.0007 0.0132  6  PXZ B C9    
140 C "C0'" . PXZ B 6  ? 0.0385 0.0490 0.0339 -0.0072 -0.0059 0.0118  6  PXZ B "C0'" 
141 O "O1'" . PXZ B 6  ? 0.0534 0.0480 0.0550 -0.0109 0.0088  0.0092  6  PXZ B "O1'" 
142 N N10   . PXZ B 6  ? 0.0301 0.0470 0.0305 0.0018  0.0005  0.0065  6  PXZ B N10   
143 C C11   . PXZ B 6  ? 0.0338 0.0427 0.0298 0.0054  -0.0039 0.0091  6  PXZ B C11   
144 C C12   . PXZ B 6  ? 0.0348 0.0523 0.0317 0.0069  -0.0012 0.0107  6  PXZ B C12   
145 C C13   . PXZ B 6  ? 0.0318 0.0599 0.0286 0.0018  -0.0003 0.0119  6  PXZ B C13   
146 C C14   . PXZ B 6  ? 0.0315 0.0477 0.0333 0.0009  -0.0026 0.0123  6  PXZ B C14   
147 C C15   . PXZ B 6  ? 0.0469 0.0600 0.0450 0.0133  0.0000  0.0022  6  PXZ B C15   
148 C C16   . PXZ B 6  ? 0.0423 0.1198 0.0507 0.0315  -0.0099 0.0039  6  PXZ B C16   
149 N N     . THR B 7  ? 0.0332 0.0441 0.0374 -0.0057 -0.0023 0.0027  7  THR B N     
150 C CA    . THR B 7  ? 0.0373 0.0387 0.0393 -0.0067 -0.0007 0.0060  7  THR B CA    
151 C C     . THR B 7  ? 0.0410 0.0422 0.0335 -0.0053 -0.0042 0.0037  7  THR B C     
152 O O     . THR B 7  ? 0.0316 0.0462 0.0513 -0.0057 0.0017  -0.0088 7  THR B O     
153 C CB    . THR B 7  ? 0.0381 0.0339 0.0419 -0.0051 -0.0017 0.0039  7  THR B CB    
154 O OG1   . THR B 7  ? 0.0384 0.0355 0.0345 -0.0039 -0.0002 0.0003  7  THR B OG1   
155 C CG2   . THR B 7  ? 0.0400 0.0560 0.0473 -0.0077 -0.0049 0.0117  7  THR B CG2   
156 N N     . DVA B 8  ? 0.0418 0.0337 0.0366 -0.0064 -0.0041 0.0012  8  DVA B N     
157 C CA    . DVA B 8  ? 0.0399 0.0398 0.0374 -0.0012 0.0044  -0.0023 8  DVA B CA    
158 C CB    . DVA B 8  ? 0.0620 0.0428 0.0677 0.0001  0.0169  -0.0163 8  DVA B CB    
159 C CG1   . DVA B 8  ? 0.0908 0.0892 0.0761 -0.0177 0.0115  -0.0373 8  DVA B CG1   
160 C CG2   . DVA B 8  ? 0.0616 0.0775 0.1250 0.0043  0.0257  -0.0428 8  DVA B CG2   
161 C C     . DVA B 8  ? 0.0301 0.0419 0.0298 0.0063  0.0034  0.0041  8  DVA B C     
162 O O     . DVA B 8  ? 0.0360 0.0541 0.0394 0.0010  -0.0016 0.0121  8  DVA B O     
163 N N     . PRO B 9  ? 0.0341 0.0452 0.0338 0.0004  -0.0041 0.0034  9  PRO B N     
164 C CA    . PRO B 9  ? 0.0373 0.0386 0.0332 0.0003  -0.0018 -0.0017 9  PRO B CA    
165 C C     . PRO B 9  ? 0.0251 0.0478 0.0334 -0.0013 0.0000  -0.0011 9  PRO B C     
166 O O     . PRO B 9  ? 0.0358 0.0790 0.0463 0.0136  0.0061  0.0039  9  PRO B O     
167 C CB    . PRO B 9  ? 0.0584 0.0377 0.0433 -0.0045 -0.0037 -0.0059 9  PRO B CB    
168 C CG    . PRO B 9  ? 0.0844 0.0478 0.0478 -0.0087 -0.0237 -0.0071 9  PRO B CG    
169 C CD    . PRO B 9  ? 0.0542 0.0591 0.0341 -0.0080 -0.0098 -0.0012 9  PRO B CD    
170 N N     . SAR B 10 ? 0.0347 0.0648 0.0362 -0.0059 0.0008  0.0104  10 SAR B N     
171 C CA    . SAR B 10 ? 0.0412 0.0461 0.0484 -0.0063 -0.0101 0.0123  10 SAR B CA    
172 C C     . SAR B 10 ? 0.0368 0.0446 0.0362 -0.0034 -0.0007 0.0097  10 SAR B C     
173 O O     . SAR B 10 ? 0.0485 0.0431 0.0524 -0.0009 -0.0013 0.0047  10 SAR B O     
174 C CN    . SAR B 10 ? 0.0542 0.1314 0.0419 -0.0066 0.0169  0.0136  10 SAR B CN    
175 N N     . MVA B 11 ? 0.0390 0.0449 0.0439 -0.0034 -0.0073 0.0000  11 MVA B N     
176 C CN    . MVA B 11 ? 0.0518 0.0596 0.0841 0.0098  -0.0093 -0.0084 11 MVA B CN    
177 C CA    . MVA B 11 ? 0.0393 0.0686 0.0401 -0.0169 -0.0113 0.0188  11 MVA B CA    
178 C CB    . MVA B 11 ? 0.1010 0.1028 0.0445 -0.0420 0.0071  0.0010  11 MVA B CB    
179 C CG1   A MVA B 11 ? 0.0617 0.0710 0.0430 0.0045  0.0088  0.0124  11 MVA B CG1   
180 C CG1   B MVA B 11 ? 0.0588 0.0680 0.0315 0.0115  -0.0073 0.0012  11 MVA B CG1   
181 C CG2   A MVA B 11 ? 0.0890 0.0667 0.0584 0.0186  -0.0243 0.0241  11 MVA B CG2   
182 C CG2   B MVA B 11 ? 0.0841 0.1320 0.0171 -0.0463 -0.0149 0.0141  11 MVA B CG2   
183 C C     . MVA B 11 ? 0.0342 0.0621 0.0313 -0.0076 -0.0064 0.0002  11 MVA B C     
184 O O     . MVA B 11 ? 0.0754 0.0812 0.0402 -0.0296 0.0060  -0.0146 11 MVA B O     
185 N N     . THR C 1  ? 0.0430 0.0481 0.0289 0.0020  0.0007  0.0017  1  THR C N     
186 C CA    . THR C 1  ? 0.0375 0.0462 0.0377 0.0033  0.0005  0.0033  1  THR C CA    
187 C C     . THR C 1  ? 0.0441 0.0316 0.0378 0.0024  0.0020  0.0045  1  THR C C     
188 O O     . THR C 1  ? 0.0471 0.0517 0.0389 0.0043  -0.0017 -0.0015 1  THR C O     
189 C CB    . THR C 1  ? 0.0428 0.0531 0.0430 0.0068  -0.0029 0.0069  1  THR C CB    
190 O OG1   . THR C 1  ? 0.0431 0.0477 0.0509 0.0096  0.0067  0.0152  1  THR C OG1   
191 C CG2   . THR C 1  ? 0.0768 0.0785 0.0420 0.0156  -0.0049 0.0106  1  THR C CG2   
192 N N     . DVA C 2  ? 0.0483 0.0381 0.0372 -0.0039 0.0026  -0.0037 2  DVA C N     
193 C CA    . DVA C 2  ? 0.0455 0.0361 0.0407 -0.0042 0.0075  -0.0029 2  DVA C CA    
194 C CB    . DVA C 2  ? 0.0504 0.0459 0.0561 -0.0020 0.0120  -0.0042 2  DVA C CB    
195 C CG1   . DVA C 2  ? 0.0595 0.0816 0.0779 0.0220  0.0088  0.0161  2  DVA C CG1   
196 C CG2   . DVA C 2  ? 0.0591 0.0664 0.0701 0.0062  0.0118  -0.0220 2  DVA C CG2   
197 C C     . DVA C 2  ? 0.0673 0.0374 0.0361 -0.0022 0.0125  -0.0075 2  DVA C C     
198 O O     . DVA C 2  ? 0.0965 0.0351 0.0434 -0.0131 0.0214  -0.0017 2  DVA C O     
199 N N     . DPL C 3  ? 0.0737 0.0469 0.0373 0.0036  0.0073  -0.0015 3  DPL C N     
200 C CA    . DPL C 3  ? 0.0570 0.0497 0.0503 0.0014  -0.0058 -0.0064 3  DPL C CA    
201 C C     . DPL C 3  ? 0.0576 0.0502 0.0434 -0.0067 -0.0057 -0.0085 3  DPL C C     
202 O O     . DPL C 3  ? 0.0657 0.0512 0.0571 -0.0069 0.0057  -0.0170 3  DPL C O     
203 C CB    . DPL C 3  ? 0.0738 0.0673 0.0652 0.0143  -0.0206 -0.0252 3  DPL C CB    
204 C CG    . DPL C 3  ? 0.1019 0.1340 0.0423 0.0415  -0.0082 0.0088  3  DPL C CG    
205 C CD    . DPL C 3  ? 0.1117 0.0509 0.0443 0.0171  0.0018  0.0041  3  DPL C CD    
206 O OG1   . DPL C 3  ? 0.1370 0.2651 0.0809 -0.0186 -0.0333 0.0362  3  DPL C OG1   
207 N N     . SAR C 4  ? 0.0625 0.0527 0.0635 -0.0022 -0.0029 0.0048  4  SAR C N     
208 C CA    . SAR C 4  ? 0.0486 0.0659 0.0763 -0.0018 0.0083  0.0125  4  SAR C CA    
209 C C     . SAR C 4  ? 0.0437 0.0452 0.0605 -0.0052 0.0104  0.0123  4  SAR C C     
210 O O     . SAR C 4  ? 0.0437 0.0489 0.0615 -0.0010 0.0090  0.0044  4  SAR C O     
211 C CN    . SAR C 4  ? 0.0868 0.0485 0.0763 -0.0062 -0.0158 -0.0033 4  SAR C CN    
212 N N     . MVA C 5  ? 0.0399 0.0583 0.0727 0.0013  0.0123  0.0227  5  MVA C N     
213 C CN    . MVA C 5  ? 0.0593 0.1845 0.1127 0.0443  0.0391  0.0622  5  MVA C CN    
214 C CA    . MVA C 5  ? 0.0568 0.0517 0.0606 -0.0001 0.0193  0.0225  5  MVA C CA    
215 C CB    . MVA C 5  ? 0.0796 0.0501 0.0822 0.0030  0.0128  0.0296  5  MVA C CB    
216 C CG1   . MVA C 5  ? 0.1155 0.0579 0.0998 -0.0045 -0.0060 0.0472  5  MVA C CG1   
217 C CG2   . MVA C 5  ? 0.1262 0.0665 0.1100 -0.0252 -0.0083 0.0225  5  MVA C CG2   
218 C C     . MVA C 5  ? 0.0562 0.0459 0.0564 0.0115  0.0120  0.0190  5  MVA C C     
219 O O     . MVA C 5  ? 0.0499 0.0580 0.0888 0.0134  0.0006  0.0242  5  MVA C O     
220 C C1    . PXZ C 6  ? 0.0529 0.0432 0.0321 0.0006  -0.0012 -0.0023 6  PXZ C C1    
221 C C0    . PXZ C 6  ? 0.0507 0.0504 0.0239 -0.0027 -0.0037 -0.0036 6  PXZ C C0    
222 O O1    . PXZ C 6  ? 0.0500 0.0756 0.0475 0.0016  -0.0043 -0.0121 6  PXZ C O1    
223 C C2    . PXZ C 6  ? 0.0693 0.0526 0.0267 -0.0042 0.0023  -0.0021 6  PXZ C C2    
224 N N2    . PXZ C 6  ? 0.0846 0.0815 0.0382 0.0026  -0.0041 -0.0096 6  PXZ C N2    
225 C C3    . PXZ C 6  ? 0.0715 0.0715 0.0382 -0.0135 0.0132  -0.0121 6  PXZ C C3    
226 O O3    . PXZ C 6  ? 0.1009 0.1186 0.0491 -0.0069 0.0161  -0.0238 6  PXZ C O3    
227 C C4    . PXZ C 6  ? 0.0616 0.0567 0.0440 -0.0080 0.0209  -0.0096 6  PXZ C C4    
228 O O5    . PXZ C 6  ? 0.0500 0.0724 0.0578 -0.0062 0.0133  -0.0113 6  PXZ C O5    
229 C C6    . PXZ C 6  ? 0.0409 0.0829 0.0835 -0.0119 -0.0006 -0.0160 6  PXZ C C6    
230 C C7    . PXZ C 6  ? 0.0463 0.0975 0.0823 -0.0097 -0.0190 -0.0248 6  PXZ C C7    
231 C C8    . PXZ C 6  ? 0.0471 0.0935 0.0606 -0.0091 -0.0159 -0.0062 6  PXZ C C8    
232 C C9    . PXZ C 6  ? 0.0422 0.0667 0.0505 -0.0026 -0.0072 -0.0115 6  PXZ C C9    
233 C "C0'" . PXZ C 6  ? 0.0491 0.0688 0.0338 -0.0034 -0.0072 -0.0109 6  PXZ C "C0'" 
234 O "O1'" . PXZ C 6  ? 0.0585 0.0846 0.0479 -0.0095 -0.0058 -0.0230 6  PXZ C "O1'" 
235 N N10   . PXZ C 6  ? 0.0443 0.0639 0.0329 -0.0014 0.0014  -0.0074 6  PXZ C N10   
236 C C11   . PXZ C 6  ? 0.0474 0.0510 0.0331 -0.0007 0.0080  -0.0037 6  PXZ C C11   
237 C C12   . PXZ C 6  ? 0.0473 0.0524 0.0492 -0.0044 0.0118  -0.0062 6  PXZ C C12   
238 C C13   . PXZ C 6  ? 0.0424 0.0635 0.0586 -0.0026 0.0055  -0.0119 6  PXZ C C13   
239 C C14   . PXZ C 6  ? 0.0418 0.0614 0.0405 -0.0037 -0.0022 -0.0117 6  PXZ C C14   
240 C C15   . PXZ C 6  ? 0.0757 0.0849 0.0672 0.0064  0.0323  -0.0120 6  PXZ C C15   
241 C C16   . PXZ C 6  ? 0.0360 0.1221 0.1151 0.0005  0.0047  -0.0285 6  PXZ C C16   
242 N N     . THR C 7  ? 0.0409 0.0543 0.0330 0.0014  -0.0047 -0.0036 7  THR C N     
243 C CA    . THR C 7  ? 0.0474 0.0471 0.0293 0.0060  0.0009  -0.0049 7  THR C CA    
244 C C     . THR C 7  ? 0.0445 0.0335 0.0293 0.0014  -0.0005 0.0040  7  THR C C     
245 O O     . THR C 7  ? 0.0450 0.0532 0.0337 -0.0005 0.0007  -0.0079 7  THR C O     
246 C CB    . THR C 7  ? 0.0555 0.0620 0.0285 0.0088  -0.0009 -0.0023 7  THR C CB    
247 O OG1   . THR C 7  ? 0.0439 0.0516 0.0392 0.0065  0.0020  0.0064  7  THR C OG1   
248 C CG2   . THR C 7  ? 0.0861 0.0830 0.0439 0.0145  -0.0241 0.0003  7  THR C CG2   
249 N N     . DVA C 8  ? 0.0435 0.0364 0.0385 0.0011  0.0051  -0.0001 8  DVA C N     
250 C CA    . DVA C 8  ? 0.0416 0.0367 0.0418 0.0013  0.0049  0.0013  8  DVA C CA    
251 C CB    . DVA C 8  ? 0.0507 0.0388 0.0566 0.0014  0.0229  0.0033  8  DVA C CB    
252 C CG1   . DVA C 8  ? 0.0548 0.0638 0.0790 -0.0111 0.0170  -0.0028 8  DVA C CG1   
253 C CG2   . DVA C 8  ? 0.0757 0.0532 0.0495 -0.0011 0.0273  0.0080  8  DVA C CG2   
254 C C     . DVA C 8  ? 0.0381 0.0442 0.0481 -0.0023 0.0017  0.0056  8  DVA C C     
255 O O     . DVA C 8  ? 0.0489 0.0447 0.0624 0.0050  -0.0013 0.0081  8  DVA C O     
256 N N     . PRO C 9  ? 0.0540 0.0534 0.0480 -0.0034 -0.0034 0.0021  9  PRO C N     
257 C CA    . PRO C 9  ? 0.0552 0.0555 0.0577 -0.0094 0.0078  -0.0085 9  PRO C CA    
258 C C     . PRO C 9  ? 0.0465 0.0578 0.0455 -0.0073 -0.0059 -0.0063 9  PRO C C     
259 O O     . PRO C 9  ? 0.0480 0.0695 0.0696 -0.0111 0.0043  -0.0133 9  PRO C O     
260 C CB    . PRO C 9  ? 0.0911 0.0626 0.0559 -0.0196 0.0071  -0.0108 9  PRO C CB    
261 C CG    . PRO C 9  ? 0.1055 0.0901 0.0542 -0.0142 -0.0165 0.0073  9  PRO C CG    
262 C CD    . PRO C 9  ? 0.0677 0.0763 0.0525 -0.0035 -0.0154 0.0133  9  PRO C CD    
263 N N     . SAR C 10 ? 0.0504 0.0597 0.0597 -0.0129 -0.0035 0.0010  10 SAR C N     
264 C CA    . SAR C 10 ? 0.0509 0.0586 0.0628 0.0015  -0.0060 -0.0072 10 SAR C CA    
265 C C     . SAR C 10 ? 0.0408 0.0389 0.0710 0.0031  -0.0005 -0.0038 10 SAR C C     
266 O O     . SAR C 10 ? 0.0390 0.0445 0.0583 0.0061  -0.0034 -0.0013 10 SAR C O     
267 C CN    . SAR C 10 ? 0.0668 0.0669 0.0740 -0.0182 -0.0130 0.0108  10 SAR C CN    
268 N N     . MVA C 11 ? 0.0364 0.0608 0.0700 0.0047  0.0004  -0.0063 11 MVA C N     
269 C CN    . MVA C 11 ? 0.0574 0.1268 0.0801 0.0080  0.0142  -0.0129 11 MVA C CN    
270 C CA    . MVA C 11 ? 0.0340 0.0522 0.0766 0.0047  0.0020  0.0111  11 MVA C CA    
271 C CB    . MVA C 11 ? 0.0410 0.0519 0.1266 0.0128  -0.0129 0.0178  11 MVA C CB    
272 C CG1   . MVA C 11 ? 0.0835 0.0778 0.1364 0.0039  -0.0211 0.0588  11 MVA C CG1   
273 C CG2   . MVA C 11 ? 0.1431 0.0677 0.1601 0.0362  -0.0311 -0.0067 11 MVA C CG2   
274 C C     . MVA C 11 ? 0.0364 0.0574 0.0572 0.0093  0.0001  0.0235  11 MVA C C     
275 O O     . MVA C 11 ? 0.0575 0.0801 0.0565 0.0074  0.0012  0.0289  11 MVA C O     
276 C C1    . EEE D .  ? 0.0897 0.0546 0.0860 -0.0002 0.0189  -0.0069 34 EEE A C1    
277 C C2    . EEE D .  ? 0.1019 0.0810 0.1055 0.0231  0.0303  -0.0010 34 EEE A C2    
278 O O1    . EEE D .  ? 0.1355 0.1378 0.1003 0.0157  -0.0049 -0.0364 34 EEE A O1    
279 O O2    . EEE D .  ? 0.0740 0.1231 0.0812 0.0158  -0.0030 -0.0141 34 EEE A O2    
280 C C3    . EEE D .  ? 0.0633 0.1018 0.0783 0.0023  -0.0158 -0.0203 34 EEE A C3    
281 C C4    . EEE D .  ? 0.0679 0.1304 0.0849 0.0008  -0.0082 -0.0059 34 EEE A C4    
282 C C1    . EEE E .  ? 0.1174 0.1371 0.1207 0.0040  0.0147  -0.0140 35 EEE A C1    
283 C C2    . EEE E .  ? 0.1867 0.1202 0.1416 -0.0174 0.0107  -0.0467 35 EEE A C2    
284 O O1    . EEE E .  ? 0.2148 0.1683 0.1251 0.0608  -0.0171 0.0024  35 EEE A O1    
285 O O2    . EEE E .  ? 0.1753 0.1972 0.1376 -0.0805 -0.0007 -0.0022 35 EEE A O2    
286 C C3    . EEE E .  ? 0.2656 0.2551 0.1506 -0.1507 0.0213  0.0398  35 EEE A C3    
287 C C4    . EEE E .  ? 0.2603 0.1936 0.3140 -0.1063 0.1424  -0.0273 35 EEE A C4    
288 C C1    A EEE F .  ? 0.1596 0.1622 0.1991 0.0522  0.0267  0.0231  37 EEE A C1    
289 C C2    A EEE F .  ? 0.1047 0.1691 0.3196 0.0645  0.1044  0.1421  37 EEE A C2    
290 O O1    A EEE F .  ? 0.2833 0.3703 0.2351 0.1167  -0.0162 -0.1107 37 EEE A O1    
291 O O2    A EEE F .  ? 0.1328 0.1090 0.1919 0.0316  0.0530  0.0352  37 EEE A O2    
292 C C3    A EEE F .  ? 0.1771 0.1526 0.2479 -0.0203 0.0810  0.0262  37 EEE A C3    
293 C C4    A EEE F .  ? 0.2341 0.1339 0.2682 -0.0302 0.1004  0.0570  37 EEE A C4    
294 C C1    B EEE G .  ? 0.2133 0.1393 0.1551 -0.0033 0.0544  0.0106  38 EEE A C1    
295 C C2    B EEE G .  ? 0.2337 0.1426 0.1911 0.0766  0.1045  0.0246  38 EEE A C2    
296 O O1    B EEE G .  ? 0.2780 0.1506 0.2361 -0.0047 0.1353  0.0222  38 EEE A O1    
297 O O2    B EEE G .  ? 0.1436 0.1289 0.1531 -0.0235 0.0413  -0.0220 38 EEE A O2    
298 C C3    B EEE G .  ? 0.1984 0.1200 0.1559 -0.0252 0.0130  -0.0229 38 EEE A C3    
299 C C4    B EEE G .  ? 0.2167 0.1413 0.1349 -0.0472 0.0167  -0.0611 38 EEE A C4    
300 C C1    B EEE H .  ? 0.3541 0.3647 0.1795 -0.0696 -0.0213 -0.0138 40 EEE A C1    
301 C C2    B EEE H .  ? 0.3785 0.1854 0.0927 0.0353  0.0414  0.0500  40 EEE A C2    
302 O O1    B EEE H .  ? 0.3823 0.5336 0.2128 -0.1254 -0.0503 -0.0094 40 EEE A O1    
303 O O2    B EEE H .  ? 0.2979 0.3837 0.2028 -0.0614 -0.0258 -0.0764 40 EEE A O2    
304 C C3    B EEE H .  ? 0.3478 0.2926 0.1716 -0.0057 -0.0663 0.0147  40 EEE A C3    
305 C C4    B EEE H .  ? 0.3164 0.1688 0.3027 0.0466  0.0173  0.1287  40 EEE A C4    
306 C C     B MOH I .  ? 0.2271 0.1181 0.2729 -0.0519 -0.1274 -0.0319 42 MOH A C     
307 O O     B MOH I .  ? 0.1565 0.1481 0.1216 -0.0415 -0.0171 0.0519  42 MOH A O     
308 C C1    . EEE J .  ? 0.1762 0.1935 0.1469 0.0064  0.0648  0.0296  36 EEE C C1    
309 C C2    . EEE J .  ? 0.2477 0.1751 0.1771 -0.0312 0.0248  0.0692  36 EEE C C2    
310 O O1    . EEE J .  ? 0.2068 0.1910 0.1615 0.0146  0.0602  0.0162  36 EEE C O1    
311 O O2    . EEE J .  ? 0.1986 0.1940 0.1917 0.0174  0.0271  0.0130  36 EEE C O2    
312 C C3    . EEE J .  ? 0.2175 0.2046 0.1868 0.0464  0.0021  -0.0286 36 EEE C C3    
313 C C4    . EEE J .  ? 0.3910 0.2289 0.1576 0.0774  -0.0045 -0.0129 36 EEE C C4    
314 C C     B MOH K .  ? 0.0644 0.0806 0.1965 -0.0108 -0.0066 -0.0410 39 MOH C C     
315 O O     B MOH K .  ? 0.0511 0.0497 0.0586 0.0069  -0.0035 -0.0196 39 MOH C O     
316 C C1    A EEE L .  ? 0.1802 0.1594 0.0616 -0.0350 -0.0086 0.0069  41 EEE C C1    
317 C C2    A EEE L .  ? 0.1730 0.1761 0.0925 -0.0222 0.0064  0.0150  41 EEE C C2    
318 O O1    A EEE L .  ? 0.1987 0.1567 0.1092 -0.0272 -0.0140 -0.0159 41 EEE C O1    
319 O O2    A EEE L .  ? 0.1819 0.1596 0.0508 -0.0359 -0.0069 0.0094  41 EEE C O2    
320 C C3    A EEE L .  ? 0.1838 0.1479 0.0255 -0.0392 -0.0172 0.0022  41 EEE C C3    
321 C C4    A EEE L .  ? 0.1799 0.1546 0.0316 -0.0400 -0.0046 -0.0179 41 EEE C C4    
322 C C     B MOH M .  ? 0.3377 0.3699 0.2242 0.0732  0.0664  0.2130  43 MOH C C     
323 O O     B MOH M .  ? 0.1398 0.3425 0.2777 -0.0561 0.0323  -0.0815 43 MOH C O     
324 C C     B MOH N .  ? 0.3469 0.2447 0.3968 -0.0923 0.0385  0.1600  44 MOH C C     
325 O O     B MOH N .  ? 0.3806 0.3378 0.2449 -0.1966 0.0345  0.0689  44 MOH C O     
326 C C     . MOH O .  ? 0.1467 0.2098 0.2732 -0.0541 0.1344  0.0115  45 MOH C C     
327 O O     . MOH O .  ? 0.1093 0.1726 0.1030 0.0274  -0.0055 -0.0056 45 MOH C O     
# 
